data_5FIW
#
_entry.id   5FIW
#
_cell.length_a   105.160
_cell.length_b   105.160
_cell.length_c   225.520
_cell.angle_alpha   90.00
_cell.angle_beta   90.00
_cell.angle_gamma   90.00
#
_symmetry.space_group_name_H-M   'P 43 21 2'
#
loop_
_entity.id
_entity.type
_entity.pdbx_description
1 polymer MYELOPEROXIDASE
2 polymer MYELOPEROXIDASE
3 branched alpha-D-mannopyranose-(1-3)-beta-D-mannopyranose-(1-4)-2-acetamido-2-deoxy-beta-D-glucopyranose-(1-4)-[alpha-L-fucopyranose-(1-6)]2-acetamido-2-deoxy-beta-D-glucopyranose
4 non-polymer 'CHLORIDE ION'
5 non-polymer 'PROTOPORPHYRIN IX CONTAINING FE'
6 non-polymer 'CALCIUM ION'
7 non-polymer 2-acetamido-2-deoxy-beta-D-glucopyranose
8 non-polymer beta-D-mannopyranose
9 water water
#
loop_
_entity_poly.entity_id
_entity_poly.type
_entity_poly.pdbx_seq_one_letter_code
_entity_poly.pdbx_strand_id
1 'polypeptide(L)'
;CPEQDKYRTITGMCNNRRSPTLGASNRAFVRWLPAEYEDGFSLPYGWTPGVKRNGFPVALARAVSNEIVRFPTDQLTPDQ
ERSLMFMQWGQLLDHDLDFTPEPAA
;
A,B
2 'polypeptide(L)'
;VNCETSCVQQPPCFPLKIPPNDPRIKNQADCIPFFRS(CSO)PACPGSNITIRNQINALTSFVDASMVYGSEEPLARNLR
NMSNQLGLLAVNQRFQDNGRALLPFDNLHDDPCLLTNRSARIPCFLAGDTRSSEMPELTSMHTLLLREHNRLATELKSLN
PRWDGERLYQEARKIVGAMVQIITYRDYLPLVLGPTAMRKYLPTYRSYNDSVDPRIANVFTNAFRYGHTLIQPFMFRLDN
RYQPMEPNPRVPLSRVFFASWRVVLEGGIDPILRGLMATPAKLNRQNQIAVDEIRERLFEQVMRIGLDLPALNMQRSRDH
GLPGYNAWRRFCGLPQPETVGQLGTVLRNLKLARKLMEQYGTPNNIDIWMGGVSEPLKRKGRVGPLLACIIGTQFRKLRD
GDRFWWENEGVFSMQQRQALAQISLPRIICDNTGITTVSKNNIFMSNSYPRDFVNCSTLPALNLASWREA
;
C,D
#
loop_
_chem_comp.id
_chem_comp.type
_chem_comp.name
_chem_comp.formula
BMA D-saccharide, beta linking beta-D-mannopyranose 'C6 H12 O6'
CA non-polymer 'CALCIUM ION' 'Ca 2'
CL non-polymer 'CHLORIDE ION' 'Cl -1'
FUC L-saccharide, alpha linking alpha-L-fucopyranose 'C6 H12 O5'
HEM non-polymer 'PROTOPORPHYRIN IX CONTAINING FE' 'C34 H32 Fe N4 O4'
MAN D-saccharide, alpha linking alpha-D-mannopyranose 'C6 H12 O6'
NAG D-saccharide, beta linking 2-acetamido-2-deoxy-beta-D-glucopyranose 'C8 H15 N O6'
#
# COMPACT_ATOMS: atom_id res chain seq x y z
N CYS A 1 -1.30 16.36 17.07
CA CYS A 1 -2.29 15.59 17.88
C CYS A 1 -2.18 15.94 19.34
N PRO A 2 -3.29 16.32 19.99
CA PRO A 2 -3.27 16.43 21.45
C PRO A 2 -2.83 15.13 22.09
N GLU A 3 -2.08 15.25 23.17
CA GLU A 3 -1.45 14.12 23.85
C GLU A 3 -2.46 13.43 24.74
N GLN A 4 -3.50 14.17 25.13
CA GLN A 4 -4.69 13.61 25.75
C GLN A 4 -5.85 14.17 25.01
N ASP A 5 -6.91 13.39 24.95
CA ASP A 5 -8.16 13.80 24.34
C ASP A 5 -9.23 12.93 24.92
N LYS A 6 -10.48 13.35 24.78
CA LYS A 6 -11.58 12.63 25.36
C LYS A 6 -12.58 12.13 24.32
N TYR A 7 -12.66 12.84 23.20
CA TYR A 7 -13.67 12.54 22.18
C TYR A 7 -12.97 12.33 20.85
N ARG A 8 -13.62 11.60 19.97
CA ARG A 8 -13.18 11.61 18.56
C ARG A 8 -13.20 12.97 17.91
N THR A 9 -12.24 13.20 17.02
CA THR A 9 -12.34 14.31 16.09
C THR A 9 -13.44 13.98 15.07
N ILE A 10 -13.97 15.01 14.44
CA ILE A 10 -14.93 14.82 13.35
C ILE A 10 -14.31 14.18 12.11
N THR A 11 -13.10 14.59 11.74
CA THR A 11 -12.42 14.02 10.57
C THR A 11 -11.77 12.66 10.78
N GLY A 12 -11.65 12.19 12.02
CA GLY A 12 -10.99 10.91 12.32
C GLY A 12 -9.50 11.07 12.52
N MET A 13 -8.99 12.27 12.27
CA MET A 13 -7.56 12.57 12.51
C MET A 13 -7.27 12.30 13.98
N CYS A 14 -6.07 11.79 14.24
CA CYS A 14 -5.56 11.57 15.60
C CYS A 14 -6.07 10.33 16.32
N ASN A 15 -6.92 9.52 15.68
CA ASN A 15 -7.31 8.24 16.27
C ASN A 15 -6.06 7.36 16.46
N ASN A 16 -5.29 7.22 15.37
CA ASN A 16 -4.00 6.57 15.43
C ASN A 16 -2.89 7.60 15.69
N ARG A 17 -2.32 7.59 16.88
CA ARG A 17 -1.34 8.60 17.23
C ARG A 17 -0.05 8.51 16.42
N ARG A 18 0.38 7.31 16.05
CA ARG A 18 1.59 7.18 15.21
C ARG A 18 1.44 7.53 13.77
N SER A 19 0.26 7.31 13.20
CA SER A 19 0.00 7.64 11.81
C SER A 19 -1.40 8.31 11.77
N PRO A 20 -1.45 9.61 12.13
CA PRO A 20 -2.71 10.23 12.49
C PRO A 20 -3.70 10.50 11.39
N THR A 21 -3.40 10.22 10.11
CA THR A 21 -4.46 10.26 9.09
C THR A 21 -5.19 8.94 8.94
N LEU A 22 -4.72 7.86 9.53
CA LEU A 22 -5.31 6.54 9.24
C LEU A 22 -6.73 6.47 9.72
N GLY A 23 -7.64 6.21 8.78
CA GLY A 23 -9.07 6.25 9.07
C GLY A 23 -9.73 7.62 8.99
N ALA A 24 -8.93 8.65 8.76
CA ALA A 24 -9.44 10.01 8.60
C ALA A 24 -10.02 10.19 7.21
N SER A 25 -10.90 11.17 7.10
CA SER A 25 -11.61 11.46 5.87
C SER A 25 -10.74 12.18 4.84
N ASN A 26 -11.14 12.02 3.58
CA ASN A 26 -10.46 12.59 2.41
C ASN A 26 -9.03 12.14 2.28
N ARG A 27 -8.87 10.82 2.36
CA ARG A 27 -7.60 10.14 2.20
C ARG A 27 -7.80 9.00 1.28
N ALA A 28 -6.70 8.57 0.66
CA ALA A 28 -6.77 7.42 -0.28
C ALA A 28 -7.12 6.12 0.45
N PHE A 29 -7.80 5.22 -0.24
CA PHE A 29 -8.07 3.87 0.28
C PHE A 29 -6.75 3.15 0.43
N VAL A 30 -6.67 2.20 1.37
CA VAL A 30 -5.55 1.24 1.37
C VAL A 30 -5.78 0.19 0.27
N ARG A 31 -4.69 -0.27 -0.37
CA ARG A 31 -4.80 -1.39 -1.30
C ARG A 31 -4.35 -2.71 -0.62
N TRP A 32 -5.21 -3.71 -0.61
CA TRP A 32 -4.82 -5.02 -0.17
C TRP A 32 -4.14 -5.85 -1.24
N LEU A 33 -4.42 -5.57 -2.50
CA LEU A 33 -3.66 -6.12 -3.62
C LEU A 33 -3.31 -4.99 -4.61
N PRO A 34 -2.26 -5.19 -5.40
CA PRO A 34 -1.90 -4.12 -6.38
C PRO A 34 -2.95 -3.96 -7.47
N ALA A 35 -3.17 -2.72 -7.85
CA ALA A 35 -4.16 -2.44 -8.87
C ALA A 35 -3.85 -3.05 -10.24
N GLU A 36 -4.91 -3.30 -11.01
CA GLU A 36 -4.85 -3.83 -12.33
C GLU A 36 -5.58 -2.94 -13.32
N TYR A 37 -4.80 -2.19 -14.07
CA TYR A 37 -5.25 -1.28 -15.07
C TYR A 37 -4.68 -1.74 -16.44
N GLU A 38 -5.36 -1.38 -17.50
CA GLU A 38 -5.02 -1.75 -18.86
C GLU A 38 -3.60 -1.30 -19.25
N ASP A 39 -3.21 -0.13 -18.79
CA ASP A 39 -1.89 0.43 -19.08
C ASP A 39 -0.95 0.34 -17.87
N GLY A 40 -1.39 -0.39 -16.85
CA GLY A 40 -0.69 -0.52 -15.60
C GLY A 40 -0.93 0.49 -14.51
N PHE A 41 -1.34 1.70 -14.87
CA PHE A 41 -1.34 2.77 -13.90
C PHE A 41 -2.59 3.63 -13.88
N SER A 42 -3.42 3.58 -14.92
CA SER A 42 -4.57 4.47 -14.91
C SER A 42 -5.82 4.03 -15.65
N LEU A 43 -5.69 3.44 -16.84
CA LEU A 43 -6.89 3.17 -17.65
C LEU A 43 -7.57 1.86 -17.24
N PRO A 44 -8.89 1.88 -17.12
CA PRO A 44 -9.58 0.67 -16.66
C PRO A 44 -9.74 -0.32 -17.78
N TYR A 45 -9.77 -1.60 -17.44
CA TYR A 45 -10.16 -2.63 -18.40
C TYR A 45 -11.53 -2.33 -18.98
N GLY A 46 -11.62 -2.50 -20.29
CA GLY A 46 -12.72 -2.07 -21.06
C GLY A 46 -12.58 -0.66 -21.68
N TRP A 47 -11.53 0.09 -21.36
CA TRP A 47 -11.40 1.48 -21.88
C TRP A 47 -11.09 1.43 -23.37
N THR A 48 -10.16 0.59 -23.76
CA THR A 48 -9.57 0.60 -25.16
C THR A 48 -10.13 -0.59 -25.94
N PRO A 49 -10.87 -0.31 -27.04
CA PRO A 49 -11.36 -1.38 -27.91
C PRO A 49 -10.29 -2.37 -28.30
N GLY A 50 -10.62 -3.67 -28.19
CA GLY A 50 -9.69 -4.72 -28.52
C GLY A 50 -8.61 -5.10 -27.53
N VAL A 51 -8.46 -4.38 -26.42
CA VAL A 51 -7.42 -4.71 -25.48
C VAL A 51 -7.93 -5.81 -24.55
N LYS A 52 -7.28 -6.96 -24.56
CA LYS A 52 -7.70 -8.08 -23.73
C LYS A 52 -7.22 -7.97 -22.30
N ARG A 53 -7.88 -8.71 -21.42
CA ARG A 53 -7.44 -8.85 -20.04
C ARG A 53 -6.92 -10.25 -19.86
N ASN A 54 -5.62 -10.37 -19.59
CA ASN A 54 -5.02 -11.68 -19.24
C ASN A 54 -5.36 -12.72 -20.33
N GLY A 55 -5.34 -12.31 -21.59
CA GLY A 55 -5.62 -13.21 -22.70
C GLY A 55 -7.04 -13.28 -23.22
N PHE A 56 -8.01 -12.62 -22.57
CA PHE A 56 -9.41 -12.77 -22.98
C PHE A 56 -10.07 -11.41 -23.15
N PRO A 57 -11.01 -11.31 -24.10
CA PRO A 57 -11.77 -10.07 -24.25
C PRO A 57 -12.47 -9.69 -22.93
N VAL A 58 -12.61 -8.39 -22.71
CA VAL A 58 -13.32 -7.85 -21.55
C VAL A 58 -14.83 -7.87 -21.85
N ALA A 59 -15.62 -8.49 -21.01
CA ALA A 59 -17.08 -8.52 -21.16
C ALA A 59 -17.67 -7.16 -20.80
N LEU A 60 -18.63 -6.65 -21.59
CA LEU A 60 -19.35 -5.44 -21.19
C LEU A 60 -20.08 -5.69 -19.84
N ALA A 61 -19.97 -4.74 -18.91
CA ALA A 61 -20.61 -4.88 -17.59
C ALA A 61 -22.13 -5.08 -17.77
N ARG A 62 -22.71 -4.38 -18.73
CA ARG A 62 -24.15 -4.50 -18.98
C ARG A 62 -24.49 -5.88 -19.60
N ALA A 63 -23.58 -6.44 -20.45
CA ALA A 63 -23.79 -7.81 -20.94
C ALA A 63 -23.79 -8.83 -19.81
N VAL A 64 -22.83 -8.72 -18.89
CA VAL A 64 -22.79 -9.64 -17.76
C VAL A 64 -24.08 -9.51 -16.93
N SER A 65 -24.50 -8.27 -16.70
CA SER A 65 -25.74 -8.05 -15.96
C SER A 65 -26.95 -8.70 -16.67
N ASN A 66 -27.02 -8.51 -17.97
CA ASN A 66 -28.11 -9.12 -18.76
C ASN A 66 -28.12 -10.61 -18.73
N GLU A 67 -26.93 -11.23 -18.79
CA GLU A 67 -26.83 -12.67 -18.99
C GLU A 67 -26.81 -13.42 -17.68
N ILE A 68 -26.31 -12.82 -16.62
CA ILE A 68 -26.14 -13.56 -15.34
C ILE A 68 -27.04 -13.03 -14.21
N VAL A 69 -27.21 -11.72 -14.14
CA VAL A 69 -27.96 -11.10 -13.03
C VAL A 69 -29.47 -11.02 -13.24
N ARG A 70 -29.90 -10.74 -14.46
CA ARG A 70 -31.28 -10.58 -14.77
C ARG A 70 -32.10 -11.83 -14.43
N PHE A 71 -33.21 -11.63 -13.71
CA PHE A 71 -34.13 -12.71 -13.48
C PHE A 71 -35.57 -12.17 -13.42
N PRO A 72 -36.55 -13.08 -13.57
CA PRO A 72 -37.96 -12.64 -13.50
C PRO A 72 -38.36 -12.31 -12.06
N THR A 73 -38.83 -11.10 -11.84
CA THR A 73 -39.12 -10.62 -10.48
C THR A 73 -40.12 -11.49 -9.68
N ASP A 74 -41.07 -12.11 -10.38
CA ASP A 74 -41.96 -13.08 -9.72
C ASP A 74 -41.32 -14.30 -9.11
N GLN A 75 -40.08 -14.62 -9.48
CA GLN A 75 -39.37 -15.72 -8.91
C GLN A 75 -38.73 -15.35 -7.57
N LEU A 76 -38.75 -14.07 -7.19
CA LEU A 76 -38.04 -13.58 -5.98
C LEU A 76 -38.37 -14.51 -4.80
N THR A 77 -37.35 -14.86 -4.02
CA THR A 77 -37.52 -15.78 -2.87
C THR A 77 -37.39 -14.95 -1.60
N PRO A 78 -38.45 -14.83 -0.82
CA PRO A 78 -38.26 -14.10 0.45
C PRO A 78 -37.41 -14.90 1.40
N ASP A 79 -36.53 -14.25 2.13
CA ASP A 79 -35.69 -14.92 3.10
C ASP A 79 -36.45 -15.18 4.38
N GLN A 80 -36.66 -16.45 4.70
CA GLN A 80 -37.44 -16.76 5.90
C GLN A 80 -36.73 -16.40 7.18
N GLU A 81 -35.43 -16.10 7.11
CA GLU A 81 -34.67 -15.82 8.33
C GLU A 81 -33.98 -14.45 8.37
N ARG A 82 -34.36 -13.52 7.47
CA ARG A 82 -33.86 -12.15 7.55
C ARG A 82 -34.96 -11.16 7.25
N SER A 83 -34.94 -10.03 7.95
CA SER A 83 -35.88 -8.98 7.67
C SER A 83 -35.31 -8.01 6.68
N LEU A 84 -36.13 -7.12 6.14
CA LEU A 84 -35.60 -6.07 5.27
C LEU A 84 -34.76 -5.06 6.03
N MET A 85 -34.95 -5.00 7.35
CA MET A 85 -34.08 -4.19 8.19
C MET A 85 -32.60 -4.66 8.09
N PHE A 86 -32.39 -5.94 7.81
CA PHE A 86 -31.03 -6.51 7.58
C PHE A 86 -30.38 -5.87 6.36
N MET A 87 -31.16 -5.70 5.30
CA MET A 87 -30.67 -4.91 4.12
C MET A 87 -30.38 -3.48 4.54
N GLN A 88 -31.34 -2.85 5.22
CA GLN A 88 -31.27 -1.41 5.42
C GLN A 88 -30.16 -1.03 6.39
N TRP A 89 -29.92 -1.84 7.41
CA TRP A 89 -28.76 -1.56 8.32
C TRP A 89 -27.43 -1.61 7.54
N GLY A 90 -27.32 -2.55 6.59
CA GLY A 90 -26.15 -2.64 5.75
C GLY A 90 -25.86 -1.36 4.99
N GLN A 91 -26.91 -0.78 4.39
CA GLN A 91 -26.71 0.44 3.63
C GLN A 91 -26.33 1.58 4.53
N LEU A 92 -27.04 1.71 5.65
CA LEU A 92 -26.72 2.76 6.62
C LEU A 92 -25.28 2.63 7.12
N LEU A 93 -24.89 1.43 7.46
CA LEU A 93 -23.52 1.15 7.88
C LEU A 93 -22.46 1.47 6.81
N ASP A 94 -22.72 1.07 5.56
CA ASP A 94 -21.84 1.44 4.42
C ASP A 94 -21.62 2.95 4.41
N HIS A 95 -22.69 3.72 4.69
CA HIS A 95 -22.62 5.17 4.69
C HIS A 95 -21.90 5.77 5.90
N ASP A 96 -21.58 4.95 6.91
CA ASP A 96 -20.67 5.34 7.97
C ASP A 96 -19.21 5.11 7.57
N LEU A 97 -18.96 4.22 6.63
CA LEU A 97 -17.61 3.71 6.31
C LEU A 97 -16.97 4.31 5.12
N ASP A 98 -17.72 4.41 4.01
CA ASP A 98 -17.14 4.86 2.75
C ASP A 98 -18.05 5.63 1.81
N PHE A 99 -17.48 6.67 1.20
CA PHE A 99 -18.08 7.39 0.08
C PHE A 99 -16.92 7.75 -0.84
N THR A 100 -17.03 7.32 -2.10
CA THR A 100 -15.98 7.50 -3.07
C THR A 100 -16.38 8.65 -4.01
N PRO A 101 -15.77 9.82 -3.87
CA PRO A 101 -16.27 10.94 -4.64
C PRO A 101 -15.93 10.87 -6.13
N GLU A 102 -16.77 11.55 -6.93
CA GLU A 102 -16.59 11.71 -8.37
C GLU A 102 -16.64 13.19 -8.70
N PRO A 103 -16.10 13.56 -9.85
CA PRO A 103 -16.19 15.01 -10.26
C PRO A 103 -17.61 15.40 -10.61
N ALA A 104 -18.01 16.66 -10.41
CA ALA A 104 -19.33 17.16 -10.87
C ALA A 104 -19.41 17.31 -12.42
N ALA A 105 -20.63 17.31 -12.94
CA ALA A 105 -20.95 17.19 -14.39
C ALA A 105 -20.30 18.19 -15.38
N CYS B 1 0.59 -5.53 -22.70
CA CYS B 1 1.75 -6.48 -22.54
C CYS B 1 1.67 -7.61 -23.53
N PRO B 2 2.76 -7.86 -24.27
CA PRO B 2 2.77 -9.05 -25.11
C PRO B 2 2.56 -10.30 -24.29
N GLU B 3 1.83 -11.25 -24.86
CA GLU B 3 1.43 -12.45 -24.15
C GLU B 3 2.51 -13.49 -24.24
N GLN B 4 3.45 -13.30 -25.17
CA GLN B 4 4.71 -14.04 -25.16
C GLN B 4 5.77 -12.97 -25.42
N ASP B 5 6.92 -13.19 -24.80
CA ASP B 5 8.07 -12.32 -24.91
C ASP B 5 9.28 -13.14 -24.51
N LYS B 6 10.45 -12.69 -24.90
CA LYS B 6 11.64 -13.47 -24.68
C LYS B 6 12.63 -12.78 -23.74
N TYR B 7 12.60 -11.44 -23.75
CA TYR B 7 13.59 -10.64 -23.04
C TYR B 7 12.86 -9.66 -22.11
N ARG B 8 13.52 -9.32 -21.02
CA ARG B 8 13.05 -8.20 -20.20
C ARG B 8 12.95 -6.91 -20.99
N THR B 9 11.96 -6.08 -20.66
CA THR B 9 11.99 -4.68 -21.07
C THR B 9 13.10 -3.96 -20.28
N ILE B 10 13.53 -2.81 -20.78
CA ILE B 10 14.50 -2.02 -20.04
C ILE B 10 13.90 -1.42 -18.75
N THR B 11 12.66 -0.91 -18.84
CA THR B 11 12.01 -0.30 -17.68
C THR B 11 11.49 -1.28 -16.65
N GLY B 12 11.44 -2.57 -16.98
CA GLY B 12 10.81 -3.55 -16.10
C GLY B 12 9.30 -3.69 -16.29
N MET B 13 8.71 -2.83 -17.10
CA MET B 13 7.28 -2.91 -17.43
C MET B 13 7.00 -4.30 -18.04
N CYS B 14 5.83 -4.85 -17.75
CA CYS B 14 5.39 -6.13 -18.30
C CYS B 14 6.02 -7.38 -17.71
N ASN B 15 6.86 -7.26 -16.68
CA ASN B 15 7.29 -8.44 -16.00
C ASN B 15 6.11 -9.15 -15.37
N ASN B 16 5.35 -8.39 -14.58
CA ASN B 16 4.12 -8.90 -14.02
C ASN B 16 3.00 -8.54 -15.01
N ARG B 17 2.38 -9.54 -15.60
CA ARG B 17 1.37 -9.29 -16.63
C ARG B 17 0.05 -8.76 -16.11
N ARG B 18 -0.31 -9.10 -14.90
CA ARG B 18 -1.52 -8.53 -14.33
C ARG B 18 -1.40 -7.13 -13.84
N SER B 19 -0.23 -6.75 -13.32
CA SER B 19 -0.03 -5.41 -12.78
C SER B 19 1.32 -4.94 -13.34
N PRO B 20 1.30 -4.48 -14.59
CA PRO B 20 2.57 -4.36 -15.35
C PRO B 20 3.55 -3.27 -14.97
N THR B 21 3.24 -2.38 -14.03
CA THR B 21 4.27 -1.46 -13.55
C THR B 21 5.06 -2.03 -12.36
N LEU B 22 4.64 -3.13 -11.78
CA LEU B 22 5.32 -3.63 -10.58
C LEU B 22 6.73 -4.02 -10.84
N GLY B 23 7.65 -3.41 -10.09
CA GLY B 23 9.07 -3.56 -10.36
C GLY B 23 9.63 -2.70 -11.48
N ALA B 24 8.78 -1.92 -12.17
CA ALA B 24 9.23 -1.02 -13.21
C ALA B 24 9.74 0.27 -12.60
N SER B 25 10.58 0.94 -13.37
CA SER B 25 11.23 2.15 -12.94
C SER B 25 10.32 3.37 -12.92
N ASN B 26 10.70 4.35 -12.12
CA ASN B 26 9.97 5.63 -11.93
C ASN B 26 8.53 5.39 -11.43
N ARG B 27 8.46 4.57 -10.38
CA ARG B 27 7.24 4.30 -9.66
C ARG B 27 7.48 4.41 -8.17
N ALA B 28 6.40 4.67 -7.45
CA ALA B 28 6.51 4.77 -5.97
C ALA B 28 6.95 3.48 -5.35
N PHE B 29 7.72 3.55 -4.23
CA PHE B 29 8.03 2.36 -3.43
C PHE B 29 6.73 1.77 -2.89
N VAL B 30 6.73 0.47 -2.64
CA VAL B 30 5.65 -0.12 -1.86
C VAL B 30 5.89 0.17 -0.37
N ARG B 31 4.81 0.44 0.38
CA ARG B 31 4.95 0.58 1.82
C ARG B 31 4.59 -0.70 2.52
N TRP B 32 5.49 -1.25 3.31
CA TRP B 32 5.12 -2.38 4.17
C TRP B 32 4.45 -1.98 5.50
N LEU B 33 4.64 -0.74 5.96
CA LEU B 33 3.91 -0.21 7.07
C LEU B 33 3.47 1.23 6.66
N PRO B 34 2.41 1.73 7.28
CA PRO B 34 2.02 3.10 6.97
C PRO B 34 3.07 4.11 7.45
N ALA B 35 3.21 5.19 6.69
CA ALA B 35 4.19 6.21 7.02
C ALA B 35 3.85 7.00 8.28
N GLU B 36 4.91 7.49 8.91
CA GLU B 36 4.84 8.30 10.14
C GLU B 36 5.54 9.64 9.94
N TYR B 37 4.74 10.65 9.76
CA TYR B 37 5.15 12.03 9.56
C TYR B 37 4.58 12.86 10.72
N GLU B 38 5.23 13.96 11.02
CA GLU B 38 4.85 14.87 12.11
C GLU B 38 3.43 15.40 11.96
N ASP B 39 3.00 15.70 10.73
CA ASP B 39 1.62 16.17 10.48
C ASP B 39 0.70 15.07 9.95
N GLY B 40 1.19 13.84 9.97
CA GLY B 40 0.50 12.69 9.41
C GLY B 40 0.67 12.36 7.96
N PHE B 41 1.02 13.36 7.12
CA PHE B 41 1.04 13.11 5.69
C PHE B 41 2.25 13.60 4.93
N SER B 42 3.08 14.49 5.49
CA SER B 42 4.22 15.05 4.72
C SER B 42 5.44 15.52 5.47
N LEU B 43 5.31 16.15 6.64
CA LEU B 43 6.47 16.74 7.31
C LEU B 43 7.22 15.72 8.15
N PRO B 44 8.56 15.72 8.08
CA PRO B 44 9.30 14.65 8.77
C PRO B 44 9.44 14.99 10.22
N TYR B 45 9.53 13.99 11.07
CA TYR B 45 9.95 14.22 12.43
C TYR B 45 11.29 14.93 12.51
N GLY B 46 11.36 15.91 13.41
CA GLY B 46 12.44 16.87 13.45
C GLY B 46 12.19 18.15 12.75
N TRP B 47 11.12 18.28 11.95
CA TRP B 47 10.91 19.44 11.14
C TRP B 47 10.61 20.67 12.02
N THR B 48 9.71 20.50 12.99
CA THR B 48 9.17 21.63 13.77
C THR B 48 9.78 21.60 15.16
N PRO B 49 10.52 22.67 15.55
CA PRO B 49 11.13 22.73 16.88
C PRO B 49 10.13 22.46 17.98
N GLY B 50 10.53 21.60 18.91
CA GLY B 50 9.66 21.21 20.02
C GLY B 50 8.54 20.20 19.80
N VAL B 51 8.32 19.74 18.57
CA VAL B 51 7.28 18.74 18.33
C VAL B 51 7.86 17.37 18.66
N LYS B 52 7.29 16.70 19.64
CA LYS B 52 7.77 15.38 20.06
C LYS B 52 7.29 14.28 19.17
N ARG B 53 7.97 13.16 19.24
CA ARG B 53 7.54 11.93 18.53
C ARG B 53 7.12 10.90 19.58
N ASN B 54 5.83 10.54 19.57
CA ASN B 54 5.32 9.50 20.46
C ASN B 54 5.76 9.77 21.90
N GLY B 55 5.68 11.02 22.32
CA GLY B 55 5.96 11.39 23.71
C GLY B 55 7.36 11.83 24.01
N PHE B 56 8.30 11.77 23.06
CA PHE B 56 9.71 12.09 23.36
C PHE B 56 10.32 13.03 22.37
N PRO B 57 11.24 13.87 22.80
CA PRO B 57 11.94 14.78 21.87
C PRO B 57 12.67 14.01 20.76
N VAL B 58 12.72 14.58 19.56
CA VAL B 58 13.42 13.95 18.41
C VAL B 58 14.91 14.23 18.56
N ALA B 59 15.75 13.22 18.54
CA ALA B 59 17.19 13.39 18.64
C ALA B 59 17.76 13.90 17.31
N LEU B 60 18.66 14.89 17.35
CA LEU B 60 19.34 15.30 16.11
C LEU B 60 20.09 14.09 15.55
N ALA B 61 19.93 13.85 14.24
CA ALA B 61 20.62 12.76 13.59
C ALA B 61 22.17 12.82 13.80
N ARG B 62 22.73 14.02 13.74
CA ARG B 62 24.16 14.22 13.97
C ARG B 62 24.57 13.95 15.41
N ALA B 63 23.68 14.29 16.37
CA ALA B 63 23.93 13.91 17.77
C ALA B 63 23.96 12.39 17.97
N VAL B 64 23.02 11.67 17.37
CA VAL B 64 23.02 10.22 17.47
C VAL B 64 24.31 9.65 16.88
N SER B 65 24.71 10.17 15.73
CA SER B 65 25.94 9.75 15.10
C SER B 65 27.15 10.01 16.00
N ASN B 66 27.20 11.19 16.60
CA ASN B 66 28.33 11.55 17.49
C ASN B 66 28.41 10.67 18.71
N GLU B 67 27.25 10.29 19.26
CA GLU B 67 27.21 9.63 20.56
C GLU B 67 27.22 8.13 20.47
N ILE B 68 26.72 7.56 19.38
CA ILE B 68 26.61 6.14 19.22
C ILE B 68 27.52 5.52 18.15
N VAL B 69 27.64 6.21 17.02
CA VAL B 69 28.35 5.63 15.87
C VAL B 69 29.84 5.91 15.91
N ARG B 70 30.23 7.10 16.34
CA ARG B 70 31.64 7.51 16.34
C ARG B 70 32.50 6.53 17.14
N PHE B 71 33.63 6.09 16.57
CA PHE B 71 34.60 5.32 17.31
C PHE B 71 36.03 5.63 16.82
N PRO B 72 37.04 5.32 17.66
CA PRO B 72 38.43 5.57 17.21
C PRO B 72 38.88 4.61 16.08
N THR B 73 39.28 5.16 14.94
CA THR B 73 39.63 4.32 13.77
C THR B 73 40.69 3.24 14.05
N ASP B 74 41.67 3.55 14.91
CA ASP B 74 42.67 2.55 15.33
C ASP B 74 42.12 1.28 16.05
N GLN B 75 40.90 1.31 16.53
CA GLN B 75 40.25 0.17 17.12
C GLN B 75 39.63 -0.76 16.07
N LEU B 76 39.59 -0.35 14.77
CA LEU B 76 38.83 -1.07 13.74
C LEU B 76 39.14 -2.56 13.78
N THR B 77 38.14 -3.40 13.66
CA THR B 77 38.30 -4.87 13.68
C THR B 77 38.13 -5.41 12.28
N PRO B 78 39.20 -6.00 11.72
CA PRO B 78 39.00 -6.64 10.39
C PRO B 78 38.17 -7.91 10.53
N ASP B 79 37.30 -8.19 9.57
CA ASP B 79 36.51 -9.38 9.58
C ASP B 79 37.36 -10.54 9.03
N GLN B 80 37.66 -11.50 9.87
CA GLN B 80 38.46 -12.65 9.42
C GLN B 80 37.75 -13.54 8.40
N GLU B 81 36.43 -13.42 8.27
CA GLU B 81 35.68 -14.24 7.34
C GLU B 81 34.93 -13.50 6.23
N ARG B 82 35.25 -12.23 5.98
CA ARG B 82 34.64 -11.55 4.81
C ARG B 82 35.71 -10.70 4.13
N SER B 83 35.68 -10.67 2.81
CA SER B 83 36.56 -9.76 2.06
C SER B 83 35.89 -8.41 1.87
N LEU B 84 36.65 -7.43 1.46
CA LEU B 84 36.06 -6.13 1.09
C LEU B 84 35.17 -6.24 -0.17
N MET B 85 35.37 -7.29 -0.99
CA MET B 85 34.49 -7.59 -2.10
C MET B 85 33.03 -7.87 -1.61
N PHE B 86 32.90 -8.37 -0.38
CA PHE B 86 31.58 -8.56 0.25
C PHE B 86 30.88 -7.19 0.40
N MET B 87 31.61 -6.17 0.86
CA MET B 87 31.07 -4.82 0.93
C MET B 87 30.70 -4.34 -0.47
N GLN B 88 31.64 -4.52 -1.41
CA GLN B 88 31.50 -3.86 -2.66
C GLN B 88 30.37 -4.48 -3.48
N TRP B 89 30.17 -5.80 -3.42
CA TRP B 89 29.04 -6.42 -4.14
C TRP B 89 27.70 -5.87 -3.59
N GLY B 90 27.63 -5.66 -2.29
CA GLY B 90 26.44 -5.08 -1.70
C GLY B 90 26.07 -3.74 -2.29
N GLN B 91 27.07 -2.86 -2.44
CA GLN B 91 26.79 -1.52 -3.01
C GLN B 91 26.36 -1.65 -4.46
N LEU B 92 27.10 -2.47 -5.22
CA LEU B 92 26.74 -2.68 -6.63
C LEU B 92 25.32 -3.24 -6.79
N LEU B 93 24.97 -4.22 -5.98
CA LEU B 93 23.65 -4.80 -5.95
C LEU B 93 22.57 -3.80 -5.55
N ASP B 94 22.85 -2.98 -4.52
CA ASP B 94 21.94 -1.89 -4.16
C ASP B 94 21.65 -1.02 -5.38
N HIS B 95 22.68 -0.75 -6.19
CA HIS B 95 22.53 0.07 -7.39
C HIS B 95 21.81 -0.59 -8.54
N ASP B 96 21.52 -1.89 -8.43
CA ASP B 96 20.62 -2.61 -9.36
C ASP B 96 19.16 -2.48 -8.90
N LEU B 97 18.95 -2.24 -7.61
CA LEU B 97 17.60 -2.33 -6.98
C LEU B 97 16.91 -1.01 -6.75
N ASP B 98 17.65 -0.03 -6.23
CA ASP B 98 17.02 1.24 -5.86
C ASP B 98 17.87 2.50 -5.96
N PHE B 99 17.24 3.55 -6.50
CA PHE B 99 17.78 4.90 -6.47
C PHE B 99 16.58 5.79 -6.22
N THR B 100 16.70 6.59 -5.15
CA THR B 100 15.64 7.48 -4.74
C THR B 100 16.00 8.91 -5.15
N PRO B 101 15.34 9.44 -6.17
CA PRO B 101 15.76 10.77 -6.66
C PRO B 101 15.39 11.92 -5.76
N GLU B 102 16.16 13.00 -5.91
CA GLU B 102 15.95 14.26 -5.24
C GLU B 102 15.88 15.39 -6.31
N PRO B 103 15.29 16.55 -5.97
CA PRO B 103 15.01 17.57 -7.02
C PRO B 103 16.24 18.29 -7.47
N ASN C 2 -19.42 16.19 -20.62
CA ASN C 2 -20.47 16.00 -19.58
C ASN C 2 -20.89 14.54 -19.52
N CYS C 3 -20.44 13.82 -18.49
CA CYS C 3 -20.73 12.39 -18.41
C CYS C 3 -22.20 12.09 -18.22
N GLU C 4 -23.02 13.07 -17.81
CA GLU C 4 -24.44 12.81 -17.61
C GLU C 4 -25.21 12.81 -18.93
N THR C 5 -24.77 13.61 -19.90
CA THR C 5 -25.50 13.82 -21.14
C THR C 5 -24.83 13.28 -22.39
N SER C 6 -23.54 12.99 -22.33
CA SER C 6 -22.82 12.55 -23.52
C SER C 6 -22.46 11.08 -23.42
N CYS C 7 -22.35 10.40 -24.55
CA CYS C 7 -21.77 9.04 -24.57
C CYS C 7 -20.32 8.98 -25.05
N VAL C 8 -19.64 10.12 -25.12
CA VAL C 8 -18.21 10.13 -25.47
C VAL C 8 -17.32 9.64 -24.34
N GLN C 9 -16.39 8.75 -24.64
CA GLN C 9 -15.43 8.26 -23.65
C GLN C 9 -14.20 9.18 -23.63
N GLN C 10 -14.24 10.12 -22.74
CA GLN C 10 -13.18 11.11 -22.55
C GLN C 10 -13.19 11.36 -21.06
N PRO C 11 -12.03 11.56 -20.44
CA PRO C 11 -12.01 11.74 -19.01
C PRO C 11 -12.84 12.92 -18.59
N PRO C 12 -13.58 12.84 -17.51
CA PRO C 12 -13.56 11.77 -16.51
C PRO C 12 -14.65 10.73 -16.74
N CYS C 13 -15.17 10.64 -17.96
CA CYS C 13 -16.31 9.77 -18.24
C CYS C 13 -15.83 8.38 -18.60
N PHE C 14 -16.56 7.33 -18.19
CA PHE C 14 -16.26 5.93 -18.59
C PHE C 14 -17.61 5.22 -18.78
N PRO C 15 -18.38 5.68 -19.78
CA PRO C 15 -19.76 5.19 -19.97
C PRO C 15 -19.80 3.75 -20.22
N LEU C 16 -20.86 3.10 -19.73
CA LEU C 16 -21.06 1.68 -20.03
C LEU C 16 -21.67 1.53 -21.41
N LYS C 17 -20.99 0.76 -22.28
CA LYS C 17 -21.51 0.48 -23.61
C LYS C 17 -22.65 -0.53 -23.53
N ILE C 18 -23.47 -0.52 -24.57
CA ILE C 18 -24.68 -1.29 -24.60
C ILE C 18 -24.47 -2.50 -25.51
N PRO C 19 -24.75 -3.71 -25.06
CA PRO C 19 -24.60 -4.88 -25.93
C PRO C 19 -25.70 -4.99 -26.96
N PRO C 20 -25.50 -5.83 -27.99
CA PRO C 20 -26.62 -6.07 -28.92
C PRO C 20 -27.77 -6.87 -28.23
N ASN C 21 -28.99 -6.72 -28.70
CA ASN C 21 -30.14 -7.45 -28.10
C ASN C 21 -30.32 -7.17 -26.61
N ASP C 22 -30.01 -5.94 -26.20
CA ASP C 22 -30.27 -5.55 -24.82
C ASP C 22 -31.78 -5.53 -24.60
N PRO C 23 -32.25 -6.02 -23.44
CA PRO C 23 -33.71 -6.08 -23.23
C PRO C 23 -34.40 -4.72 -23.08
N ARG C 24 -33.65 -3.65 -22.84
CA ARG C 24 -34.18 -2.35 -22.55
C ARG C 24 -33.69 -1.23 -23.44
N ILE C 25 -32.39 -1.19 -23.72
CA ILE C 25 -31.76 -0.09 -24.44
C ILE C 25 -31.48 -0.56 -25.87
N LYS C 26 -32.32 -0.14 -26.79
CA LYS C 26 -32.22 -0.65 -28.16
C LYS C 26 -31.19 0.10 -28.99
N ASN C 27 -30.93 1.34 -28.65
CA ASN C 27 -29.93 2.10 -29.39
C ASN C 27 -28.52 1.79 -28.86
N GLN C 28 -27.72 1.11 -29.67
CA GLN C 28 -26.35 0.78 -29.28
C GLN C 28 -25.38 1.96 -29.26
N ALA C 29 -25.78 3.13 -29.74
CA ALA C 29 -24.96 4.32 -29.59
C ALA C 29 -25.28 5.04 -28.27
N ASP C 30 -26.28 4.58 -27.53
CA ASP C 30 -26.59 5.13 -26.22
C ASP C 30 -25.60 4.52 -25.22
N CYS C 31 -25.74 4.86 -23.95
CA CYS C 31 -24.83 4.37 -22.91
C CYS C 31 -25.46 4.61 -21.56
N ILE C 32 -24.97 3.88 -20.57
CA ILE C 32 -25.30 4.17 -19.19
C ILE C 32 -24.22 5.08 -18.64
N PRO C 33 -24.60 6.27 -18.10
CA PRO C 33 -23.62 7.29 -17.66
C PRO C 33 -22.78 6.79 -16.50
N PHE C 34 -21.53 7.23 -16.49
CA PHE C 34 -20.58 6.80 -15.46
C PHE C 34 -19.42 7.79 -15.41
N PHE C 35 -19.23 8.36 -14.25
CA PHE C 35 -18.09 9.21 -13.94
C PHE C 35 -17.05 8.38 -13.19
N ARG C 36 -15.79 8.47 -13.63
CA ARG C 36 -14.69 7.80 -12.90
C ARG C 36 -14.53 8.41 -11.55
N SER C 37 -14.24 7.57 -10.55
CA SER C 37 -13.99 8.06 -9.21
C SER C 37 -12.79 9.01 -9.24
N CSO C 38 -12.84 10.08 -8.44
CA CSO C 38 -11.75 11.03 -8.38
CB CSO C 38 -11.95 12.09 -7.27
SG CSO C 38 -13.34 13.16 -7.63
C CSO C 38 -10.43 10.31 -8.02
O CSO C 38 -10.38 9.49 -7.10
OD CSO C 38 -12.75 14.13 -8.93
N PRO C 39 -9.35 10.64 -8.72
CA PRO C 39 -8.02 10.05 -8.38
C PRO C 39 -7.41 10.77 -7.21
N ALA C 40 -6.69 10.05 -6.37
CA ALA C 40 -5.98 10.64 -5.27
C ALA C 40 -4.88 11.62 -5.75
N CYS C 41 -4.32 11.38 -6.95
CA CYS C 41 -3.22 12.19 -7.51
C CYS C 41 -3.51 12.50 -8.97
N PRO C 42 -4.35 13.54 -9.21
CA PRO C 42 -4.80 13.80 -10.57
C PRO C 42 -3.65 14.13 -11.50
N GLY C 43 -3.66 13.53 -12.67
CA GLY C 43 -2.70 13.88 -13.72
C GLY C 43 -1.32 13.26 -13.55
N SER C 44 -1.13 12.39 -12.57
CA SER C 44 0.20 11.80 -12.35
C SER C 44 0.65 10.81 -13.44
N ASN C 45 1.89 10.95 -13.85
CA ASN C 45 2.57 9.93 -14.64
C ASN C 45 3.47 9.02 -13.78
N ILE C 46 3.41 9.15 -12.45
CA ILE C 46 4.16 8.30 -11.52
C ILE C 46 3.24 7.32 -10.78
N THR C 47 2.16 7.81 -10.19
CA THR C 47 1.39 6.98 -9.25
C THR C 47 0.55 5.98 -10.00
N ILE C 48 0.29 4.86 -9.33
CA ILE C 48 -0.72 3.90 -9.76
C ILE C 48 -2.06 4.47 -9.21
N ARG C 49 -3.01 4.75 -10.10
CA ARG C 49 -4.22 5.50 -9.72
C ARG C 49 -4.95 4.82 -8.56
N ASN C 50 -5.29 5.63 -7.57
CA ASN C 50 -6.05 5.15 -6.42
C ASN C 50 -7.18 6.11 -6.20
N GLN C 51 -8.18 5.69 -5.45
CA GLN C 51 -9.37 6.51 -5.22
C GLN C 51 -9.41 6.99 -3.73
N ILE C 52 -10.39 7.83 -3.41
CA ILE C 52 -10.43 8.55 -2.16
C ILE C 52 -11.65 8.14 -1.34
N ASN C 53 -11.47 8.04 -0.01
CA ASN C 53 -12.62 7.90 0.90
C ASN C 53 -12.93 9.25 1.54
N ALA C 54 -14.13 9.80 1.25
CA ALA C 54 -14.53 11.08 1.82
C ALA C 54 -14.97 11.01 3.27
N LEU C 55 -15.17 9.79 3.79
CA LEU C 55 -15.69 9.61 5.15
C LEU C 55 -14.64 9.07 6.12
N THR C 56 -14.93 9.18 7.43
CA THR C 56 -14.13 8.45 8.41
C THR C 56 -14.41 6.95 8.30
N SER C 57 -13.36 6.13 8.28
CA SER C 57 -13.52 4.68 8.17
C SER C 57 -14.19 4.11 9.42
N PHE C 58 -13.93 4.74 10.57
CA PHE C 58 -14.38 4.23 11.81
C PHE C 58 -15.93 4.07 11.82
N VAL C 59 -16.38 3.07 12.60
CA VAL C 59 -17.81 2.93 12.93
C VAL C 59 -18.10 3.95 14.04
N ASP C 60 -18.29 5.19 13.64
CA ASP C 60 -18.35 6.32 14.57
C ASP C 60 -19.64 7.19 14.36
N ALA C 61 -20.62 6.64 13.64
CA ALA C 61 -21.84 7.40 13.29
C ALA C 61 -21.58 8.71 12.52
N SER C 62 -20.54 8.70 11.67
CA SER C 62 -20.20 9.86 10.86
C SER C 62 -21.33 10.14 9.87
N MET C 63 -22.15 9.14 9.60
CA MET C 63 -23.36 9.38 8.75
C MET C 63 -24.40 10.27 9.41
N VAL C 64 -24.34 10.37 10.73
CA VAL C 64 -25.14 11.33 11.50
C VAL C 64 -24.43 12.68 11.73
N TYR C 65 -23.15 12.66 12.06
CA TYR C 65 -22.45 13.88 12.52
C TYR C 65 -21.63 14.59 11.50
N GLY C 66 -21.33 13.93 10.39
CA GLY C 66 -20.44 14.47 9.36
C GLY C 66 -19.01 13.99 9.54
N SER C 67 -18.23 14.09 8.44
CA SER C 67 -16.80 13.71 8.43
C SER C 67 -15.88 14.90 8.17
N GLU C 68 -16.45 16.10 8.08
CA GLU C 68 -15.72 17.36 7.87
C GLU C 68 -16.26 18.45 8.80
N GLU C 69 -15.38 19.31 9.29
CA GLU C 69 -15.76 20.19 10.43
C GLU C 69 -16.84 21.22 10.10
N PRO C 70 -16.84 21.82 8.89
CA PRO C 70 -17.90 22.81 8.58
C PRO C 70 -19.30 22.17 8.51
N LEU C 71 -19.40 21.03 7.83
CA LEU C 71 -20.66 20.27 7.84
C LEU C 71 -21.07 19.89 9.24
N ALA C 72 -20.15 19.38 10.06
CA ALA C 72 -20.47 18.99 11.40
C ALA C 72 -21.06 20.14 12.22
N ARG C 73 -20.48 21.31 12.07
CA ARG C 73 -21.01 22.51 12.76
C ARG C 73 -22.41 22.90 12.26
N ASN C 74 -22.60 22.84 10.95
CA ASN C 74 -23.86 23.14 10.34
C ASN C 74 -25.00 22.20 10.67
N LEU C 75 -24.67 20.96 11.04
CA LEU C 75 -25.68 19.99 11.48
C LEU C 75 -26.15 20.22 12.90
N ARG C 76 -25.43 21.05 13.64
CA ARG C 76 -25.78 21.37 15.03
C ARG C 76 -26.69 22.56 15.19
N ASN C 77 -27.48 22.51 16.26
CA ASN C 77 -28.36 23.63 16.67
C ASN C 77 -27.50 24.51 17.55
N MET C 78 -27.07 25.62 16.98
CA MET C 78 -26.24 26.59 17.65
C MET C 78 -27.08 27.75 18.23
N SER C 79 -28.41 27.59 18.33
CA SER C 79 -29.27 28.60 18.97
C SER C 79 -29.24 28.58 20.47
N ASN C 80 -28.67 27.54 21.08
CA ASN C 80 -28.80 27.35 22.51
C ASN C 80 -27.66 26.49 23.00
N GLN C 81 -27.61 26.20 24.30
CA GLN C 81 -26.56 25.39 24.90
C GLN C 81 -27.00 23.96 25.18
N LEU C 82 -27.87 23.40 24.36
CA LEU C 82 -28.47 22.10 24.68
C LEU C 82 -27.81 20.91 23.96
N GLY C 83 -26.86 21.21 23.08
CA GLY C 83 -26.01 20.16 22.48
C GLY C 83 -26.77 19.34 21.46
N LEU C 84 -27.79 19.96 20.88
CA LEU C 84 -28.69 19.25 19.94
C LEU C 84 -28.21 19.30 18.50
N LEU C 85 -28.68 18.33 17.71
CA LEU C 85 -28.63 18.45 16.25
C LEU C 85 -29.85 19.24 15.72
N ALA C 86 -29.62 20.04 14.67
CA ALA C 86 -30.65 20.83 14.01
C ALA C 86 -31.75 19.89 13.49
N VAL C 87 -33.00 20.36 13.54
CA VAL C 87 -34.16 19.64 13.05
C VAL C 87 -34.90 20.48 12.04
N ASN C 88 -35.78 19.84 11.28
CA ASN C 88 -36.54 20.54 10.26
C ASN C 88 -37.39 21.63 10.87
N GLN C 89 -37.36 22.82 10.26
CA GLN C 89 -38.08 23.99 10.80
C GLN C 89 -39.46 24.18 10.16
N ARG C 90 -39.82 23.36 9.17
CA ARG C 90 -41.06 23.46 8.41
C ARG C 90 -42.02 22.32 8.71
N PHE C 91 -41.50 21.12 9.05
CA PHE C 91 -42.32 19.92 9.17
C PHE C 91 -41.89 19.08 10.34
N GLN C 92 -42.87 18.39 10.93
CA GLN C 92 -42.68 17.37 11.93
C GLN C 92 -43.48 16.16 11.54
N ASP C 93 -43.12 15.03 12.15
CA ASP C 93 -43.73 13.73 11.90
C ASP C 93 -44.51 13.39 13.17
N ASN C 94 -45.80 13.74 13.16
CA ASN C 94 -46.63 13.68 14.39
C ASN C 94 -45.92 14.11 15.65
N GLY C 95 -45.42 15.33 15.60
CA GLY C 95 -44.76 15.91 16.72
C GLY C 95 -43.32 15.52 16.94
N ARG C 96 -42.78 14.63 16.13
CA ARG C 96 -41.35 14.22 16.25
C ARG C 96 -40.53 14.81 15.11
N ALA C 97 -39.21 14.92 15.33
CA ALA C 97 -38.27 15.67 14.49
C ALA C 97 -38.06 14.98 13.12
N LEU C 98 -37.93 15.79 12.08
CA LEU C 98 -37.40 15.37 10.79
C LEU C 98 -36.08 16.03 10.57
N LEU C 99 -35.31 15.47 9.65
CA LEU C 99 -34.01 16.03 9.30
C LEU C 99 -34.20 17.42 8.69
N PRO C 100 -33.24 18.32 8.90
CA PRO C 100 -33.27 19.60 8.16
C PRO C 100 -33.14 19.43 6.66
N PHE C 101 -33.62 20.40 5.91
CA PHE C 101 -33.49 20.37 4.46
C PHE C 101 -32.13 20.86 4.06
N ASP C 102 -31.60 20.29 2.99
CA ASP C 102 -30.37 20.74 2.36
C ASP C 102 -30.71 21.82 1.34
N ASN C 103 -29.68 22.52 0.89
CA ASN C 103 -29.79 23.56 -0.12
C ASN C 103 -28.86 23.20 -1.29
N LEU C 104 -29.35 22.37 -2.20
CA LEU C 104 -28.58 21.92 -3.37
C LEU C 104 -28.93 22.72 -4.63
N HIS C 105 -27.93 22.93 -5.49
CA HIS C 105 -28.13 23.62 -6.76
C HIS C 105 -29.07 22.86 -7.69
N ASP C 106 -28.89 21.54 -7.84
CA ASP C 106 -29.74 20.72 -8.74
C ASP C 106 -30.39 19.58 -7.94
N ASP C 107 -31.40 19.93 -7.16
CA ASP C 107 -31.85 19.03 -6.09
C ASP C 107 -32.69 17.91 -6.71
N PRO C 108 -32.23 16.65 -6.62
CA PRO C 108 -33.00 15.60 -7.30
C PRO C 108 -34.28 15.25 -6.59
N CYS C 109 -34.41 15.49 -5.29
CA CYS C 109 -35.61 15.16 -4.60
C CYS C 109 -36.80 16.00 -5.10
N LEU C 110 -36.53 17.26 -5.45
CA LEU C 110 -37.61 18.15 -5.98
C LEU C 110 -38.16 17.62 -7.30
N LEU C 111 -37.32 16.90 -8.04
CA LEU C 111 -37.79 16.34 -9.35
C LEU C 111 -38.79 15.23 -9.20
N THR C 112 -38.80 14.54 -8.06
CA THR C 112 -39.64 13.35 -7.95
C THR C 112 -41.08 13.72 -7.79
N ASN C 113 -41.37 14.95 -7.33
CA ASN C 113 -42.77 15.42 -7.22
C ASN C 113 -42.81 16.94 -7.26
N ARG C 114 -43.23 17.50 -8.38
CA ARG C 114 -43.20 18.95 -8.52
C ARG C 114 -44.08 19.67 -7.52
N SER C 115 -45.32 19.24 -7.35
CA SER C 115 -46.26 19.97 -6.51
C SER C 115 -45.89 19.89 -5.02
N ALA C 116 -45.22 18.81 -4.60
CA ALA C 116 -44.84 18.66 -3.20
C ALA C 116 -43.75 19.60 -2.76
N ARG C 117 -42.82 19.93 -3.67
CA ARG C 117 -41.71 20.85 -3.41
C ARG C 117 -40.94 20.52 -2.13
N ILE C 118 -40.66 19.24 -1.91
CA ILE C 118 -39.90 18.82 -0.73
C ILE C 118 -38.44 18.49 -1.15
N PRO C 119 -37.46 19.29 -0.67
CA PRO C 119 -36.09 19.10 -1.11
C PRO C 119 -35.42 17.92 -0.38
N CYS C 120 -34.17 17.65 -0.75
CA CYS C 120 -33.38 16.61 -0.07
C CYS C 120 -33.08 17.01 1.37
N PHE C 121 -32.91 16.00 2.22
CA PHE C 121 -32.52 16.20 3.61
C PHE C 121 -31.03 16.42 3.72
N LEU C 122 -30.65 17.12 4.79
CA LEU C 122 -29.28 17.36 5.17
C LEU C 122 -28.92 16.43 6.34
N ALA C 123 -27.90 15.59 6.13
CA ALA C 123 -27.39 14.70 7.17
C ALA C 123 -25.86 14.67 7.14
N GLY C 124 -25.29 13.82 7.99
CA GLY C 124 -23.84 13.65 8.03
C GLY C 124 -23.26 13.07 6.77
N ASP C 125 -24.06 12.34 6.00
CA ASP C 125 -23.62 11.78 4.70
C ASP C 125 -24.55 12.32 3.63
N THR C 126 -24.03 12.48 2.42
CA THR C 126 -24.77 13.10 1.35
C THR C 126 -25.86 12.24 0.70
N ARG C 127 -25.88 10.96 1.02
CA ARG C 127 -26.82 10.03 0.40
C ARG C 127 -28.10 9.79 1.18
N SER C 128 -28.38 10.59 2.21
CA SER C 128 -29.45 10.25 3.16
C SER C 128 -30.85 10.20 2.55
N SER C 129 -31.06 10.90 1.44
CA SER C 129 -32.37 10.90 0.78
C SER C 129 -32.48 9.87 -0.36
N GLU C 130 -31.47 9.04 -0.55
CA GLU C 130 -31.50 8.10 -1.70
C GLU C 130 -32.72 7.17 -1.67
N MET C 131 -33.18 6.72 -0.50
CA MET C 131 -34.45 5.96 -0.43
C MET C 131 -35.07 6.27 0.93
N PRO C 132 -36.41 6.31 1.02
CA PRO C 132 -37.04 6.72 2.30
C PRO C 132 -36.76 5.80 3.50
N GLU C 133 -36.49 4.53 3.24
CA GLU C 133 -36.07 3.58 4.25
C GLU C 133 -34.74 4.01 4.88
N LEU C 134 -33.85 4.52 4.08
CA LEU C 134 -32.53 5.03 4.58
C LEU C 134 -32.72 6.34 5.33
N THR C 135 -33.60 7.20 4.77
CA THR C 135 -33.92 8.45 5.42
C THR C 135 -34.49 8.18 6.77
N SER C 136 -35.34 7.16 6.86
CA SER C 136 -35.98 6.81 8.13
C SER C 136 -34.97 6.44 9.20
N MET C 137 -33.95 5.69 8.81
CA MET C 137 -32.90 5.33 9.76
C MET C 137 -32.06 6.52 10.21
N HIS C 138 -31.73 7.42 9.27
CA HIS C 138 -31.06 8.66 9.62
C HIS C 138 -31.86 9.49 10.60
N THR C 139 -33.16 9.51 10.39
CA THR C 139 -34.05 10.34 11.20
C THR C 139 -34.13 9.73 12.61
N LEU C 140 -34.15 8.41 12.68
CA LEU C 140 -34.21 7.71 13.93
C LEU C 140 -32.96 8.05 14.78
N LEU C 141 -31.79 8.05 14.16
CA LEU C 141 -30.54 8.39 14.85
C LEU C 141 -30.44 9.88 15.27
N LEU C 142 -30.94 10.80 14.45
CA LEU C 142 -31.06 12.20 14.82
C LEU C 142 -31.89 12.35 16.08
N ARG C 143 -33.05 11.68 16.10
CA ARG C 143 -33.92 11.73 17.29
C ARG C 143 -33.25 11.18 18.48
N GLU C 144 -32.54 10.05 18.32
CA GLU C 144 -31.86 9.45 19.45
C GLU C 144 -30.77 10.34 20.05
N HIS C 145 -30.02 11.02 19.20
CA HIS C 145 -29.05 12.00 19.67
C HIS C 145 -29.76 13.04 20.57
N ASN C 146 -30.81 13.64 20.02
CA ASN C 146 -31.50 14.71 20.77
C ASN C 146 -32.14 14.24 22.06
N ARG C 147 -32.62 12.99 22.06
CA ARG C 147 -33.17 12.38 23.24
C ARG C 147 -32.12 12.22 24.32
N LEU C 148 -30.95 11.72 23.94
CA LEU C 148 -29.85 11.57 24.89
C LEU C 148 -29.33 12.90 25.42
N ALA C 149 -29.14 13.89 24.55
CA ALA C 149 -28.71 15.21 24.99
C ALA C 149 -29.72 15.82 25.97
N THR C 150 -31.00 15.57 25.76
CA THR C 150 -32.05 16.08 26.64
C THR C 150 -32.01 15.43 28.02
N GLU C 151 -31.92 14.10 28.04
CA GLU C 151 -31.75 13.33 29.25
C GLU C 151 -30.46 13.67 29.99
N LEU C 152 -29.37 13.85 29.27
CA LEU C 152 -28.08 14.22 29.91
C LEU C 152 -28.12 15.64 30.53
N LYS C 153 -28.86 16.56 29.93
CA LYS C 153 -29.03 17.89 30.49
C LYS C 153 -29.83 17.83 31.80
N SER C 154 -30.84 16.97 31.87
CA SER C 154 -31.64 16.80 33.10
C SER C 154 -30.81 16.18 34.19
N LEU C 155 -29.95 15.25 33.82
CA LEU C 155 -29.05 14.59 34.73
C LEU C 155 -27.91 15.49 35.23
N ASN C 156 -27.37 16.33 34.34
CA ASN C 156 -26.20 17.17 34.54
C ASN C 156 -26.46 18.61 34.09
N PRO C 157 -27.19 19.37 34.93
CA PRO C 157 -27.67 20.66 34.44
C PRO C 157 -26.55 21.65 34.17
N ARG C 158 -25.37 21.46 34.75
CA ARG C 158 -24.26 22.38 34.53
C ARG C 158 -23.45 22.12 33.27
N TRP C 159 -23.66 20.97 32.61
CA TRP C 159 -22.96 20.71 31.34
C TRP C 159 -23.33 21.70 30.27
N ASP C 160 -22.32 22.18 29.53
CA ASP C 160 -22.58 23.09 28.43
C ASP C 160 -22.92 22.34 27.12
N GLY C 161 -23.25 23.11 26.10
CA GLY C 161 -23.67 22.58 24.80
C GLY C 161 -22.66 21.64 24.17
N GLU C 162 -21.40 22.02 24.20
CA GLU C 162 -20.36 21.20 23.63
C GLU C 162 -20.27 19.87 24.32
N ARG C 163 -20.30 19.88 25.67
CA ARG C 163 -20.20 18.65 26.43
C ARG C 163 -21.40 17.74 26.15
N LEU C 164 -22.58 18.33 26.05
CA LEU C 164 -23.79 17.55 25.81
C LEU C 164 -23.77 16.89 24.43
N TYR C 165 -23.37 17.68 23.46
CA TYR C 165 -23.25 17.20 22.09
C TYR C 165 -22.25 16.04 22.03
N GLN C 166 -21.06 16.25 22.61
CA GLN C 166 -20.03 15.22 22.54
C GLN C 166 -20.40 13.93 23.28
N GLU C 167 -21.02 14.01 24.46
CA GLU C 167 -21.40 12.84 25.20
C GLU C 167 -22.52 12.08 24.52
N ALA C 168 -23.51 12.78 23.94
CA ALA C 168 -24.57 12.09 23.21
C ALA C 168 -23.98 11.44 21.91
N ARG C 169 -23.09 12.15 21.22
CA ARG C 169 -22.40 11.62 20.01
C ARG C 169 -21.62 10.33 20.31
N LYS C 170 -20.98 10.30 21.46
CA LYS C 170 -20.23 9.12 21.88
C LYS C 170 -21.14 7.94 22.11
N ILE C 171 -22.30 8.19 22.74
CA ILE C 171 -23.25 7.12 22.97
C ILE C 171 -23.82 6.58 21.63
N VAL C 172 -24.20 7.49 20.74
CA VAL C 172 -24.80 7.09 19.45
C VAL C 172 -23.78 6.26 18.68
N GLY C 173 -22.53 6.70 18.67
CA GLY C 173 -21.43 5.86 18.04
C GLY C 173 -21.30 4.48 18.61
N ALA C 174 -21.35 4.36 19.94
CA ALA C 174 -21.28 3.07 20.58
C ALA C 174 -22.48 2.18 20.20
N MET C 175 -23.70 2.75 20.14
CA MET C 175 -24.88 1.98 19.80
C MET C 175 -24.72 1.40 18.38
N VAL C 176 -24.15 2.21 17.47
CA VAL C 176 -23.95 1.75 16.08
C VAL C 176 -22.94 0.59 16.09
N GLN C 177 -21.87 0.71 16.89
CA GLN C 177 -20.89 -0.37 17.00
C GLN C 177 -21.51 -1.67 17.57
N ILE C 178 -22.33 -1.53 18.61
CA ILE C 178 -22.97 -2.68 19.25
C ILE C 178 -23.90 -3.40 18.33
N ILE C 179 -24.84 -2.69 17.75
CA ILE C 179 -25.78 -3.27 16.83
C ILE C 179 -25.01 -3.99 15.68
N THR C 180 -24.01 -3.29 15.14
CA THR C 180 -23.29 -3.83 14.03
C THR C 180 -22.55 -5.17 14.39
N TYR C 181 -21.76 -5.17 15.46
CA TYR C 181 -20.92 -6.30 15.75
C TYR C 181 -21.60 -7.41 16.54
N ARG C 182 -22.59 -7.05 17.36
CA ARG C 182 -23.32 -8.05 18.11
C ARG C 182 -24.41 -8.69 17.30
N ASP C 183 -25.13 -7.87 16.53
CA ASP C 183 -26.39 -8.33 15.89
C ASP C 183 -26.29 -8.53 14.40
N TYR C 184 -25.62 -7.60 13.69
CA TYR C 184 -25.67 -7.59 12.24
C TYR C 184 -24.61 -8.56 11.66
N LEU C 185 -23.32 -8.32 11.98
CA LEU C 185 -22.24 -9.12 11.36
C LEU C 185 -22.38 -10.63 11.52
N PRO C 186 -22.83 -11.14 12.69
CA PRO C 186 -22.94 -12.60 12.78
C PRO C 186 -23.91 -13.20 11.78
N LEU C 187 -24.91 -12.42 11.39
CA LEU C 187 -25.90 -12.83 10.42
C LEU C 187 -25.44 -12.62 8.94
N VAL C 188 -24.47 -11.75 8.72
CA VAL C 188 -23.84 -11.63 7.38
C VAL C 188 -22.88 -12.84 7.17
N LEU C 189 -21.99 -13.02 8.15
CA LEU C 189 -20.84 -13.96 7.99
C LEU C 189 -21.18 -15.41 8.32
N GLY C 190 -22.14 -15.62 9.25
CA GLY C 190 -22.43 -16.93 9.78
C GLY C 190 -21.44 -17.24 10.92
N PRO C 191 -21.74 -18.24 11.74
CA PRO C 191 -20.92 -18.46 12.95
C PRO C 191 -19.46 -18.83 12.74
N THR C 192 -19.14 -19.65 11.74
CA THR C 192 -17.76 -20.08 11.51
C THR C 192 -16.88 -18.91 11.09
N ALA C 193 -17.36 -18.13 10.15
CA ALA C 193 -16.60 -16.94 9.70
C ALA C 193 -16.52 -15.88 10.75
N MET C 194 -17.56 -15.77 11.59
CA MET C 194 -17.52 -14.80 12.67
C MET C 194 -16.38 -15.16 13.62
N ARG C 195 -16.24 -16.46 13.95
CA ARG C 195 -15.18 -16.93 14.83
C ARG C 195 -13.81 -16.75 14.22
N LYS C 196 -13.69 -16.99 12.92
CA LYS C 196 -12.41 -16.87 12.21
C LYS C 196 -11.97 -15.42 12.09
N TYR C 197 -12.86 -14.54 11.68
CA TYR C 197 -12.44 -13.18 11.38
C TYR C 197 -12.69 -12.17 12.47
N LEU C 198 -13.60 -12.46 13.41
CA LEU C 198 -13.93 -11.54 14.49
C LEU C 198 -13.88 -12.30 15.82
N PRO C 199 -12.69 -12.82 16.16
CA PRO C 199 -12.56 -13.45 17.47
C PRO C 199 -12.78 -12.44 18.57
N THR C 200 -13.02 -12.94 19.79
CA THR C 200 -13.31 -12.08 20.93
C THR C 200 -12.30 -10.94 21.06
N TYR C 201 -12.85 -9.74 21.21
CA TYR C 201 -12.08 -8.54 21.33
C TYR C 201 -11.19 -8.61 22.54
N ARG C 202 -9.97 -8.12 22.38
CA ARG C 202 -9.01 -8.06 23.46
C ARG C 202 -8.80 -6.61 23.87
N SER C 203 -8.18 -5.79 23.01
CA SER C 203 -7.99 -4.38 23.30
C SER C 203 -7.44 -3.72 22.05
N TYR C 204 -7.42 -2.41 22.09
CA TYR C 204 -6.91 -1.61 20.97
C TYR C 204 -5.48 -2.00 20.62
N ASN C 205 -5.22 -2.15 19.33
CA ASN C 205 -3.88 -2.43 18.81
C ASN C 205 -3.57 -1.31 17.84
N ASP C 206 -2.61 -0.45 18.21
CA ASP C 206 -2.24 0.74 17.40
C ASP C 206 -1.44 0.40 16.12
N SER C 207 -1.18 -0.86 15.85
CA SER C 207 -0.52 -1.26 14.67
C SER C 207 -1.50 -1.86 13.68
N VAL C 208 -2.79 -1.87 14.02
CA VAL C 208 -3.81 -2.36 13.06
C VAL C 208 -4.23 -1.20 12.18
N ASP C 209 -4.07 -1.29 10.85
CA ASP C 209 -4.45 -0.20 9.97
C ASP C 209 -6.00 -0.16 9.85
N PRO C 210 -6.65 0.93 10.28
CA PRO C 210 -8.11 1.00 10.19
C PRO C 210 -8.70 1.57 8.90
N ARG C 211 -7.87 1.79 7.87
CA ARG C 211 -8.43 2.30 6.61
C ARG C 211 -9.40 1.31 5.94
N ILE C 212 -10.37 1.85 5.19
CA ILE C 212 -11.15 1.03 4.28
C ILE C 212 -10.25 0.65 3.08
N ALA C 213 -10.25 -0.64 2.75
CA ALA C 213 -9.58 -1.13 1.56
C ALA C 213 -10.41 -0.86 0.35
N ASN C 214 -9.73 -0.56 -0.76
CA ASN C 214 -10.41 -0.29 -2.00
C ASN C 214 -11.43 -1.41 -2.34
N VAL C 215 -11.00 -2.66 -2.22
CA VAL C 215 -11.87 -3.82 -2.54
C VAL C 215 -13.18 -3.86 -1.72
N PHE C 216 -13.13 -3.44 -0.46
CA PHE C 216 -14.30 -3.48 0.41
C PHE C 216 -15.42 -2.58 -0.11
N THR C 217 -15.06 -1.47 -0.76
CA THR C 217 -16.09 -0.57 -1.37
C THR C 217 -16.92 -1.25 -2.43
N ASN C 218 -16.39 -2.32 -3.03
CA ASN C 218 -17.08 -3.11 -4.05
C ASN C 218 -17.70 -4.36 -3.41
N ALA C 219 -16.94 -5.04 -2.58
CA ALA C 219 -17.41 -6.26 -1.91
C ALA C 219 -18.62 -6.07 -0.99
N PHE C 220 -18.67 -4.95 -0.26
CA PHE C 220 -19.76 -4.73 0.67
C PHE C 220 -21.05 -4.36 -0.08
N ARG C 221 -20.97 -4.22 -1.40
CA ARG C 221 -22.15 -4.13 -2.24
C ARG C 221 -22.91 -5.46 -2.40
N TYR C 222 -22.45 -6.53 -1.73
CA TYR C 222 -23.23 -7.75 -1.66
C TYR C 222 -24.70 -7.44 -1.31
N GLY C 223 -24.91 -6.39 -0.50
CA GLY C 223 -26.25 -6.04 -0.04
C GLY C 223 -27.24 -5.70 -1.15
N HIS C 224 -26.75 -5.36 -2.33
CA HIS C 224 -27.64 -5.17 -3.45
C HIS C 224 -28.50 -6.41 -3.74
N THR C 225 -28.00 -7.62 -3.37
CA THR C 225 -28.74 -8.87 -3.58
C THR C 225 -29.88 -9.07 -2.57
N LEU C 226 -29.99 -8.19 -1.58
CA LEU C 226 -31.01 -8.30 -0.52
C LEU C 226 -32.20 -7.42 -0.79
N ILE C 227 -32.09 -6.56 -1.80
CA ILE C 227 -33.04 -5.50 -2.04
C ILE C 227 -34.34 -6.07 -2.66
N GLN C 228 -35.45 -5.72 -2.04
CA GLN C 228 -36.79 -6.06 -2.56
C GLN C 228 -37.23 -4.95 -3.57
N PRO C 229 -38.15 -5.27 -4.49
CA PRO C 229 -38.57 -4.32 -5.51
C PRO C 229 -39.57 -3.24 -5.08
N PHE C 230 -39.99 -3.25 -3.81
CA PHE C 230 -40.97 -2.30 -3.32
C PHE C 230 -40.47 -1.77 -1.99
N MET C 231 -40.98 -0.61 -1.66
CA MET C 231 -40.96 -0.07 -0.32
C MET C 231 -42.34 -0.42 0.30
N PHE C 232 -42.29 -1.11 1.44
CA PHE C 232 -43.47 -1.65 2.14
C PHE C 232 -43.83 -0.73 3.31
N ARG C 233 -45.09 -0.31 3.37
CA ARG C 233 -45.55 0.55 4.50
C ARG C 233 -46.69 -0.14 5.23
N LEU C 234 -46.58 -0.22 6.56
CA LEU C 234 -47.57 -0.94 7.37
C LEU C 234 -48.10 -0.04 8.47
N ASP C 235 -49.40 -0.18 8.76
CA ASP C 235 -50.03 0.64 9.83
C ASP C 235 -49.81 0.02 11.23
N ASN C 236 -50.47 0.57 12.27
CA ASN C 236 -50.29 0.06 13.63
C ASN C 236 -50.89 -1.31 13.93
N ARG C 237 -51.48 -1.98 12.95
CA ARG C 237 -51.84 -3.38 13.08
C ARG C 237 -50.93 -4.24 12.24
N TYR C 238 -49.84 -3.64 11.74
CA TYR C 238 -48.88 -4.30 10.88
C TYR C 238 -49.55 -4.82 9.62
N GLN C 239 -50.59 -4.10 9.18
CA GLN C 239 -51.27 -4.40 7.96
C GLN C 239 -50.90 -3.38 6.91
N PRO C 240 -51.06 -3.74 5.64
CA PRO C 240 -50.73 -2.83 4.57
C PRO C 240 -51.41 -1.49 4.72
N MET C 241 -50.66 -0.41 4.62
CA MET C 241 -51.18 0.89 4.84
C MET C 241 -51.67 1.40 3.50
N GLU C 242 -53.00 1.46 3.39
CA GLU C 242 -53.70 1.80 2.17
C GLU C 242 -53.68 3.31 1.97
N PRO C 243 -53.78 3.77 0.73
CA PRO C 243 -54.05 2.95 -0.46
C PRO C 243 -52.79 2.43 -1.25
N ASN C 244 -51.57 2.90 -0.93
CA ASN C 244 -50.32 2.48 -1.64
C ASN C 244 -49.31 1.81 -0.70
N PRO C 245 -49.66 0.62 -0.22
CA PRO C 245 -48.77 -0.01 0.76
C PRO C 245 -47.47 -0.58 0.17
N ARG C 246 -47.36 -0.74 -1.17
CA ARG C 246 -46.20 -1.32 -1.81
C ARG C 246 -45.80 -0.44 -2.98
N VAL C 247 -44.87 0.45 -2.78
CA VAL C 247 -44.50 1.41 -3.84
C VAL C 247 -43.30 0.84 -4.59
N PRO C 248 -43.31 0.80 -5.93
CA PRO C 248 -42.11 0.29 -6.67
C PRO C 248 -40.91 1.16 -6.34
N LEU C 249 -39.77 0.49 -6.12
CA LEU C 249 -38.56 1.19 -5.71
C LEU C 249 -38.19 2.32 -6.68
N SER C 250 -38.46 2.12 -7.96
CA SER C 250 -38.18 3.16 -8.97
C SER C 250 -39.03 4.43 -8.86
N ARG C 251 -39.99 4.47 -7.94
CA ARG C 251 -40.71 5.71 -7.60
C ARG C 251 -40.43 6.20 -6.16
N VAL C 252 -39.42 5.61 -5.47
CA VAL C 252 -39.04 6.09 -4.15
C VAL C 252 -37.65 6.70 -4.07
N PHE C 253 -36.80 6.50 -5.07
CA PHE C 253 -35.45 7.08 -5.02
C PHE C 253 -35.56 8.61 -4.98
N PHE C 254 -34.88 9.20 -4.01
CA PHE C 254 -34.91 10.67 -3.79
C PHE C 254 -36.30 11.19 -3.50
N ALA C 255 -37.21 10.33 -3.04
CA ALA C 255 -38.60 10.78 -2.80
C ALA C 255 -38.83 11.22 -1.35
N SER C 256 -38.11 12.25 -0.93
CA SER C 256 -38.19 12.77 0.42
C SER C 256 -39.62 13.25 0.75
N TRP C 257 -40.35 13.64 -0.29
CA TRP C 257 -41.77 14.01 -0.13
C TRP C 257 -42.60 12.90 0.51
N ARG C 258 -42.25 11.63 0.25
CA ARG C 258 -42.97 10.50 0.84
C ARG C 258 -42.86 10.45 2.34
N VAL C 259 -41.69 10.83 2.88
CA VAL C 259 -41.52 10.89 4.32
C VAL C 259 -42.34 12.03 4.93
N VAL C 260 -42.29 13.18 4.30
CA VAL C 260 -42.93 14.39 4.82
C VAL C 260 -44.46 14.34 4.68
N LEU C 261 -44.97 13.90 3.54
CA LEU C 261 -46.38 14.02 3.20
C LEU C 261 -47.16 12.70 3.16
N GLU C 262 -46.50 11.56 3.26
CA GLU C 262 -47.18 10.26 3.27
C GLU C 262 -46.98 9.45 4.54
N GLY C 263 -46.92 10.13 5.67
CA GLY C 263 -47.09 9.44 6.93
C GLY C 263 -45.86 9.28 7.79
N GLY C 264 -44.75 9.93 7.46
CA GLY C 264 -43.62 9.91 8.37
C GLY C 264 -42.84 8.58 8.31
N ILE C 265 -42.04 8.36 9.34
CA ILE C 265 -41.14 7.19 9.33
C ILE C 265 -41.75 5.94 9.95
N ASP C 266 -42.83 6.07 10.75
CA ASP C 266 -43.35 4.86 11.42
C ASP C 266 -43.77 3.76 10.44
N PRO C 267 -44.53 4.08 9.40
CA PRO C 267 -44.94 2.99 8.51
C PRO C 267 -43.79 2.31 7.77
N ILE C 268 -42.77 3.08 7.48
CA ILE C 268 -41.60 2.59 6.78
C ILE C 268 -40.81 1.64 7.70
N LEU C 269 -40.57 2.06 8.95
CA LEU C 269 -39.86 1.21 9.91
C LEU C 269 -40.60 -0.09 10.21
N ARG C 270 -41.94 -0.04 10.27
CA ARG C 270 -42.73 -1.25 10.40
C ARG C 270 -42.56 -2.17 9.20
N GLY C 271 -42.59 -1.59 8.02
CA GLY C 271 -42.34 -2.34 6.76
C GLY C 271 -40.99 -3.06 6.77
N LEU C 272 -39.97 -2.38 7.28
CA LEU C 272 -38.64 -2.99 7.37
C LEU C 272 -38.59 -4.15 8.34
N MET C 273 -39.25 -4.03 9.49
CA MET C 273 -39.23 -5.09 10.51
C MET C 273 -40.01 -6.34 10.15
N ALA C 274 -41.11 -6.14 9.43
CA ALA C 274 -42.12 -7.18 9.24
C ALA C 274 -42.19 -7.70 7.81
N THR C 275 -41.20 -7.37 6.97
CA THR C 275 -41.12 -7.88 5.63
C THR C 275 -39.79 -8.61 5.53
N PRO C 276 -39.76 -9.78 4.86
CA PRO C 276 -38.50 -10.45 4.62
C PRO C 276 -37.60 -9.69 3.67
N ALA C 277 -36.28 -9.80 3.89
CA ALA C 277 -35.32 -9.44 2.87
C ALA C 277 -35.49 -10.36 1.68
N LYS C 278 -34.98 -9.93 0.54
CA LYS C 278 -34.81 -10.87 -0.58
C LYS C 278 -33.64 -11.81 -0.27
N LEU C 279 -33.80 -13.08 -0.61
CA LEU C 279 -32.71 -14.04 -0.54
C LEU C 279 -31.86 -14.01 -1.85
N ASN C 280 -30.56 -14.02 -1.72
CA ASN C 280 -29.63 -14.16 -2.87
C ASN C 280 -29.62 -15.61 -3.27
N ARG C 281 -30.06 -15.90 -4.50
CA ARG C 281 -29.90 -17.22 -5.08
C ARG C 281 -29.15 -17.08 -6.39
N GLN C 282 -28.59 -18.19 -6.87
CA GLN C 282 -27.69 -18.09 -8.04
C GLN C 282 -28.35 -17.71 -9.34
N ASN C 283 -29.64 -17.97 -9.46
CA ASN C 283 -30.39 -17.50 -10.62
C ASN C 283 -31.41 -16.43 -10.26
N GLN C 284 -31.22 -15.81 -9.10
CA GLN C 284 -32.04 -14.70 -8.62
C GLN C 284 -31.16 -13.71 -7.90
N ILE C 285 -30.22 -13.15 -8.63
CA ILE C 285 -29.19 -12.35 -7.98
C ILE C 285 -29.66 -10.95 -7.58
N ALA C 286 -30.19 -10.15 -8.50
CA ALA C 286 -30.65 -8.79 -8.17
C ALA C 286 -31.81 -8.37 -9.05
N VAL C 287 -32.74 -7.62 -8.44
CA VAL C 287 -34.00 -7.26 -9.07
C VAL C 287 -33.91 -6.16 -10.11
N ASP C 288 -34.82 -6.19 -11.05
CA ASP C 288 -34.86 -5.16 -12.11
C ASP C 288 -35.18 -3.77 -11.66
N GLU C 289 -35.80 -3.58 -10.48
CA GLU C 289 -35.98 -2.21 -10.00
C GLU C 289 -34.63 -1.51 -9.80
N ILE C 290 -33.57 -2.28 -9.52
CA ILE C 290 -32.20 -1.72 -9.49
C ILE C 290 -31.33 -2.04 -10.73
N ARG C 291 -31.66 -3.09 -11.48
CA ARG C 291 -30.90 -3.48 -12.64
C ARG C 291 -31.34 -2.70 -13.89
N GLU C 292 -32.58 -2.22 -13.91
CA GLU C 292 -33.14 -1.54 -15.11
C GLU C 292 -33.62 -0.12 -14.84
N ARG C 293 -34.02 0.16 -13.60
CA ARG C 293 -34.77 1.40 -13.28
C ARG C 293 -34.14 2.22 -12.16
N LEU C 294 -32.88 1.98 -11.87
CA LEU C 294 -32.23 2.72 -10.81
C LEU C 294 -32.21 4.22 -11.15
N PHE C 295 -32.79 5.03 -10.25
CA PHE C 295 -32.87 6.48 -10.35
C PHE C 295 -33.57 6.96 -11.61
N GLU C 296 -34.46 6.15 -12.17
CA GLU C 296 -35.10 6.41 -13.47
C GLU C 296 -35.83 7.72 -13.47
N GLN C 297 -36.39 8.12 -12.33
CA GLN C 297 -37.16 9.39 -12.33
C GLN C 297 -36.33 10.64 -12.60
N VAL C 298 -35.08 10.65 -12.13
CA VAL C 298 -34.32 11.88 -11.96
C VAL C 298 -33.21 12.01 -13.01
N MET C 299 -33.07 11.04 -13.90
CA MET C 299 -31.94 10.94 -14.83
C MET C 299 -32.40 10.71 -16.27
N ARG C 300 -31.50 10.88 -17.24
CA ARG C 300 -31.92 10.71 -18.66
C ARG C 300 -32.21 9.28 -19.05
N ILE C 301 -31.71 8.33 -18.26
CA ILE C 301 -31.90 6.91 -18.52
C ILE C 301 -31.75 6.13 -17.19
N GLY C 302 -32.44 4.98 -17.08
CA GLY C 302 -32.39 4.18 -15.83
C GLY C 302 -31.00 3.53 -15.76
N LEU C 303 -30.43 3.54 -14.58
CA LEU C 303 -29.11 2.93 -14.38
C LEU C 303 -29.29 1.43 -14.06
N ASP C 304 -28.18 0.67 -14.14
CA ASP C 304 -28.13 -0.78 -13.85
C ASP C 304 -27.11 -0.91 -12.74
N LEU C 305 -27.59 -1.11 -11.52
CA LEU C 305 -26.68 -1.07 -10.37
C LEU C 305 -25.63 -2.23 -10.40
N PRO C 306 -26.05 -3.44 -10.70
CA PRO C 306 -25.05 -4.53 -10.82
C PRO C 306 -23.99 -4.18 -11.85
N ALA C 307 -24.43 -3.69 -13.00
CA ALA C 307 -23.48 -3.27 -14.03
C ALA C 307 -22.57 -2.16 -13.57
N LEU C 308 -23.10 -1.19 -12.84
CA LEU C 308 -22.30 -0.13 -12.27
C LEU C 308 -21.23 -0.69 -11.32
N ASN C 309 -21.61 -1.68 -10.52
CA ASN C 309 -20.67 -2.30 -9.59
C ASN C 309 -19.46 -2.87 -10.33
N MET C 310 -19.73 -3.51 -11.47
CA MET C 310 -18.68 -4.13 -12.26
C MET C 310 -17.83 -3.11 -12.98
N GLN C 311 -18.47 -2.08 -13.55
CA GLN C 311 -17.71 -1.01 -14.17
C GLN C 311 -16.85 -0.28 -13.11
N ARG C 312 -17.38 -0.15 -11.89
CA ARG C 312 -16.69 0.52 -10.79
C ARG C 312 -15.45 -0.23 -10.33
N SER C 313 -15.55 -1.55 -10.26
CA SER C 313 -14.39 -2.35 -9.90
C SER C 313 -13.26 -2.19 -10.96
N ARG C 314 -13.63 -2.04 -12.23
CA ARG C 314 -12.68 -1.77 -13.28
C ARG C 314 -12.06 -0.37 -13.16
N ASP C 315 -12.92 0.63 -12.98
CA ASP C 315 -12.52 1.98 -12.68
C ASP C 315 -11.48 2.02 -11.56
N HIS C 316 -11.69 1.21 -10.52
CA HIS C 316 -10.77 1.17 -9.38
C HIS C 316 -9.59 0.21 -9.51
N GLY C 317 -9.44 -0.42 -10.65
CA GLY C 317 -8.35 -1.31 -10.89
C GLY C 317 -8.35 -2.54 -10.02
N LEU C 318 -9.51 -3.03 -9.61
CA LEU C 318 -9.49 -4.18 -8.69
C LEU C 318 -9.13 -5.45 -9.45
N PRO C 319 -8.26 -6.29 -8.83
CA PRO C 319 -8.01 -7.59 -9.41
C PRO C 319 -9.31 -8.42 -9.53
N GLY C 320 -9.25 -9.42 -10.36
CA GLY C 320 -10.35 -10.36 -10.56
C GLY C 320 -10.48 -11.45 -9.51
N TYR C 321 -11.50 -12.29 -9.71
CA TYR C 321 -11.99 -13.25 -8.72
C TYR C 321 -10.88 -14.19 -8.18
N ASN C 322 -10.10 -14.81 -9.05
CA ASN C 322 -9.07 -15.74 -8.55
C ASN C 322 -8.02 -15.06 -7.73
N ALA C 323 -7.64 -13.83 -8.10
CA ALA C 323 -6.65 -13.13 -7.26
C ALA C 323 -7.15 -12.90 -5.86
N TRP C 324 -8.43 -12.51 -5.76
CA TRP C 324 -9.02 -12.37 -4.41
C TRP C 324 -9.19 -13.70 -3.65
N ARG C 325 -9.56 -14.79 -4.36
CA ARG C 325 -9.58 -16.10 -3.76
C ARG C 325 -8.19 -16.42 -3.15
N ARG C 326 -7.14 -16.14 -3.92
CA ARG C 326 -5.76 -16.39 -3.49
C ARG C 326 -5.41 -15.55 -2.27
N PHE C 327 -5.80 -14.28 -2.31
CA PHE C 327 -5.58 -13.36 -1.16
C PHE C 327 -6.18 -13.94 0.11
N CYS C 328 -7.39 -14.47 -0.02
CA CYS C 328 -8.09 -15.09 1.07
C CYS C 328 -7.61 -16.49 1.51
N GLY C 329 -6.71 -17.12 0.77
CA GLY C 329 -6.30 -18.50 1.05
C GLY C 329 -7.30 -19.52 0.59
N LEU C 330 -8.13 -19.21 -0.39
CA LEU C 330 -9.12 -20.14 -0.97
C LEU C 330 -8.63 -20.64 -2.32
N PRO C 331 -8.95 -21.88 -2.68
CA PRO C 331 -8.56 -22.46 -3.96
C PRO C 331 -9.06 -21.66 -5.15
N GLN C 332 -8.24 -21.59 -6.19
CA GLN C 332 -8.59 -20.78 -7.36
C GLN C 332 -8.99 -21.65 -8.56
N PRO C 333 -10.28 -21.67 -8.91
CA PRO C 333 -10.63 -22.50 -10.05
C PRO C 333 -10.08 -21.98 -11.37
N GLU C 334 -9.59 -22.89 -12.22
CA GLU C 334 -9.04 -22.49 -13.53
C GLU C 334 -9.88 -22.93 -14.72
N THR C 335 -10.66 -23.99 -14.59
CA THR C 335 -11.46 -24.50 -15.70
C THR C 335 -12.95 -24.35 -15.35
N VAL C 336 -13.85 -24.48 -16.33
CA VAL C 336 -15.28 -24.45 -16.08
C VAL C 336 -15.68 -25.55 -15.09
N GLY C 337 -15.06 -26.74 -15.17
CA GLY C 337 -15.35 -27.82 -14.22
C GLY C 337 -15.00 -27.45 -12.78
N GLN C 338 -13.82 -26.85 -12.60
CA GLN C 338 -13.41 -26.41 -11.30
C GLN C 338 -14.30 -25.30 -10.77
N LEU C 339 -14.64 -24.34 -11.63
CA LEU C 339 -15.55 -23.25 -11.21
C LEU C 339 -16.89 -23.80 -10.81
N GLY C 340 -17.38 -24.80 -11.56
CA GLY C 340 -18.62 -25.49 -11.22
C GLY C 340 -18.62 -26.10 -9.84
N THR C 341 -17.48 -26.67 -9.43
CA THR C 341 -17.33 -27.24 -8.09
C THR C 341 -17.39 -26.13 -7.04
N VAL C 342 -16.66 -25.04 -7.28
CA VAL C 342 -16.66 -23.92 -6.35
C VAL C 342 -18.04 -23.33 -6.16
N LEU C 343 -18.82 -23.28 -7.25
CA LEU C 343 -20.17 -22.72 -7.20
C LEU C 343 -21.27 -23.75 -6.90
N ARG C 344 -20.94 -25.04 -6.77
CA ARG C 344 -21.92 -26.12 -6.78
C ARG C 344 -22.95 -25.97 -7.90
N ASN C 345 -22.50 -25.53 -9.06
CA ASN C 345 -23.42 -25.09 -10.11
C ASN C 345 -22.67 -24.96 -11.42
N LEU C 346 -22.78 -26.01 -12.24
CA LEU C 346 -22.10 -26.00 -13.52
C LEU C 346 -22.78 -25.08 -14.54
N LYS C 347 -24.09 -24.88 -14.43
CA LYS C 347 -24.79 -24.02 -15.34
C LYS C 347 -24.28 -22.58 -15.22
N LEU C 348 -24.19 -22.11 -13.97
CA LEU C 348 -23.72 -20.73 -13.72
C LEU C 348 -22.23 -20.61 -14.07
N ALA C 349 -21.45 -21.65 -13.79
CA ALA C 349 -20.04 -21.65 -14.16
C ALA C 349 -19.86 -21.48 -15.68
N ARG C 350 -20.68 -22.19 -16.45
CA ARG C 350 -20.60 -22.09 -17.88
C ARG C 350 -21.00 -20.69 -18.38
N LYS C 351 -22.05 -20.10 -17.80
CA LYS C 351 -22.45 -18.74 -18.16
C LYS C 351 -21.36 -17.72 -17.84
N LEU C 352 -20.73 -17.88 -16.68
CA LEU C 352 -19.63 -17.01 -16.34
C LEU C 352 -18.47 -17.15 -17.29
N MET C 353 -18.10 -18.38 -17.65
CA MET C 353 -16.99 -18.61 -18.56
C MET C 353 -17.30 -18.06 -19.96
N GLU C 354 -18.53 -18.16 -20.39
CA GLU C 354 -18.93 -17.59 -21.66
C GLU C 354 -18.73 -16.07 -21.67
N GLN C 355 -19.02 -15.37 -20.56
CA GLN C 355 -18.76 -13.92 -20.50
C GLN C 355 -17.28 -13.59 -20.36
N TYR C 356 -16.59 -14.27 -19.44
CA TYR C 356 -15.31 -13.81 -18.98
C TYR C 356 -14.09 -14.60 -19.51
N GLY C 357 -14.31 -15.78 -20.05
CA GLY C 357 -13.20 -16.61 -20.57
C GLY C 357 -12.42 -17.41 -19.54
N THR C 358 -12.10 -16.82 -18.41
CA THR C 358 -11.33 -17.43 -17.33
C THR C 358 -11.88 -16.89 -16.02
N PRO C 359 -11.83 -17.73 -14.94
CA PRO C 359 -12.19 -17.17 -13.64
C PRO C 359 -11.19 -16.15 -13.11
N ASN C 360 -10.01 -16.03 -13.75
CA ASN C 360 -9.13 -14.93 -13.38
C ASN C 360 -9.75 -13.55 -13.60
N ASN C 361 -10.66 -13.45 -14.56
CA ASN C 361 -11.19 -12.15 -15.01
C ASN C 361 -12.59 -11.80 -14.49
N ILE C 362 -13.23 -12.70 -13.74
CA ILE C 362 -14.55 -12.43 -13.20
C ILE C 362 -14.44 -11.22 -12.24
N ASP C 363 -15.31 -10.22 -12.39
CA ASP C 363 -15.25 -9.04 -11.57
C ASP C 363 -15.59 -9.47 -10.15
N ILE C 364 -14.96 -8.82 -9.18
CA ILE C 364 -15.09 -9.23 -7.76
C ILE C 364 -16.54 -9.27 -7.24
N TRP C 365 -17.35 -8.28 -7.58
CA TRP C 365 -18.74 -8.30 -7.11
C TRP C 365 -19.48 -9.50 -7.66
N MET C 366 -19.32 -9.75 -8.95
CA MET C 366 -20.02 -10.81 -9.66
C MET C 366 -19.65 -12.18 -9.14
N GLY C 367 -18.34 -12.42 -8.99
CA GLY C 367 -17.84 -13.67 -8.49
C GLY C 367 -18.25 -13.83 -7.04
N GLY C 368 -18.10 -12.77 -6.25
CA GLY C 368 -18.45 -12.85 -4.83
C GLY C 368 -19.91 -13.20 -4.56
N VAL C 369 -20.84 -12.55 -5.29
CA VAL C 369 -22.27 -12.82 -5.09
C VAL C 369 -22.77 -14.13 -5.73
N SER C 370 -21.96 -14.71 -6.62
CA SER C 370 -22.27 -16.01 -7.22
C SER C 370 -22.01 -17.21 -6.33
N GLU C 371 -21.18 -17.06 -5.30
CA GLU C 371 -20.79 -18.21 -4.51
C GLU C 371 -21.91 -18.61 -3.57
N PRO C 372 -22.06 -19.92 -3.35
CA PRO C 372 -23.02 -20.37 -2.36
C PRO C 372 -22.78 -19.78 -0.96
N LEU C 373 -23.86 -19.55 -0.27
CA LEU C 373 -23.78 -18.83 1.02
C LEU C 373 -23.24 -19.73 2.12
N LYS C 374 -22.47 -19.14 3.05
CA LYS C 374 -22.03 -19.84 4.24
C LYS C 374 -23.26 -20.22 5.08
N ARG C 375 -23.07 -21.25 5.87
CA ARG C 375 -24.12 -21.72 6.78
C ARG C 375 -24.51 -20.62 7.76
N LYS C 376 -25.80 -20.31 7.80
CA LYS C 376 -26.37 -19.21 8.61
C LYS C 376 -25.75 -17.82 8.34
N GLY C 377 -25.18 -17.66 7.15
CA GLY C 377 -24.71 -16.37 6.65
C GLY C 377 -25.33 -16.04 5.31
N ARG C 378 -25.02 -14.85 4.82
CA ARG C 378 -25.60 -14.36 3.57
C ARG C 378 -24.56 -13.87 2.58
N VAL C 379 -23.35 -14.37 2.76
CA VAL C 379 -22.27 -14.28 1.81
C VAL C 379 -21.55 -15.61 1.74
N GLY C 380 -20.87 -15.83 0.63
CA GLY C 380 -19.96 -16.93 0.46
C GLY C 380 -18.60 -16.70 1.06
N PRO C 381 -17.72 -17.67 0.89
CA PRO C 381 -16.39 -17.61 1.57
C PRO C 381 -15.52 -16.46 1.16
N LEU C 382 -15.57 -16.06 -0.10
CA LEU C 382 -14.71 -14.94 -0.54
C LEU C 382 -15.16 -13.61 0.07
N LEU C 383 -16.44 -13.31 -0.06
CA LEU C 383 -16.99 -12.10 0.55
C LEU C 383 -16.88 -12.13 2.08
N ALA C 384 -17.05 -13.30 2.70
CA ALA C 384 -16.88 -13.41 4.14
C ALA C 384 -15.50 -13.00 4.56
N CYS C 385 -14.49 -13.49 3.85
CA CYS C 385 -13.08 -13.07 4.16
C CYS C 385 -12.86 -11.57 4.00
N ILE C 386 -13.30 -10.98 2.90
CA ILE C 386 -13.08 -9.57 2.66
C ILE C 386 -13.80 -8.72 3.73
N ILE C 387 -15.09 -9.03 3.96
CA ILE C 387 -15.89 -8.25 4.89
C ILE C 387 -15.41 -8.44 6.32
N GLY C 388 -15.19 -9.69 6.71
CA GLY C 388 -14.74 -10.00 8.06
C GLY C 388 -13.39 -9.40 8.37
N THR C 389 -12.46 -9.46 7.40
CA THR C 389 -11.16 -8.81 7.55
C THR C 389 -11.30 -7.28 7.75
N GLN C 390 -12.14 -6.63 6.94
CA GLN C 390 -12.30 -5.19 7.10
C GLN C 390 -12.84 -4.80 8.46
N PHE C 391 -13.91 -5.49 8.89
CA PHE C 391 -14.50 -5.15 10.18
C PHE C 391 -13.63 -5.48 11.38
N ARG C 392 -12.77 -6.47 11.24
CA ARG C 392 -11.79 -6.69 12.35
C ARG C 392 -10.84 -5.51 12.49
N LYS C 393 -10.37 -4.99 11.37
CA LYS C 393 -9.48 -3.84 11.40
C LYS C 393 -10.18 -2.60 11.97
N LEU C 394 -11.44 -2.39 11.62
CA LEU C 394 -12.21 -1.26 12.13
C LEU C 394 -12.44 -1.33 13.62
N ARG C 395 -12.43 -2.54 14.15
CA ARG C 395 -12.61 -2.78 15.57
C ARG C 395 -11.29 -2.65 16.33
N ASP C 396 -10.33 -3.51 15.98
CA ASP C 396 -9.05 -3.57 16.68
C ASP C 396 -8.19 -2.34 16.48
N GLY C 397 -8.38 -1.64 15.34
CA GLY C 397 -7.62 -0.44 15.05
C GLY C 397 -8.32 0.88 15.43
N ASP C 398 -9.41 0.83 16.24
CA ASP C 398 -10.15 2.08 16.64
C ASP C 398 -9.87 2.36 18.09
N ARG C 399 -9.16 3.44 18.32
CA ARG C 399 -8.80 3.82 19.69
C ARG C 399 -10.05 4.13 20.51
N PHE C 400 -11.14 4.50 19.83
CA PHE C 400 -12.38 4.88 20.51
C PHE C 400 -13.45 3.76 20.46
N TRP C 401 -13.05 2.53 20.16
CA TRP C 401 -13.94 1.37 20.21
C TRP C 401 -14.59 1.34 21.61
N TRP C 402 -15.88 1.07 21.67
CA TRP C 402 -16.63 1.23 22.93
C TRP C 402 -16.13 0.38 24.10
N GLU C 403 -15.49 -0.75 23.81
CA GLU C 403 -14.94 -1.64 24.85
C GLU C 403 -13.50 -1.33 25.24
N ASN C 404 -12.85 -0.43 24.52
CA ASN C 404 -11.46 -0.14 24.80
C ASN C 404 -11.40 0.60 26.16
N GLU C 405 -10.48 0.21 27.01
CA GLU C 405 -10.39 0.89 28.30
C GLU C 405 -10.10 2.36 28.13
N GLY C 406 -10.77 3.16 28.92
CA GLY C 406 -10.64 4.60 28.83
C GLY C 406 -11.68 5.31 28.01
N VAL C 407 -12.47 4.59 27.22
CA VAL C 407 -13.44 5.27 26.40
C VAL C 407 -14.72 5.51 27.23
N PHE C 408 -15.27 4.45 27.75
CA PHE C 408 -16.37 4.49 28.76
C PHE C 408 -15.90 3.90 30.06
N SER C 409 -16.60 4.22 31.15
CA SER C 409 -16.39 3.52 32.43
C SER C 409 -16.94 2.11 32.34
N MET C 410 -16.56 1.26 33.28
CA MET C 410 -17.13 -0.06 33.35
C MET C 410 -18.65 -0.05 33.51
N GLN C 411 -19.15 0.90 34.30
CA GLN C 411 -20.59 0.99 34.54
C GLN C 411 -21.33 1.45 33.27
N GLN C 412 -20.72 2.37 32.54
CA GLN C 412 -21.27 2.81 31.25
C GLN C 412 -21.26 1.69 30.22
N ARG C 413 -20.19 0.91 30.20
CA ARG C 413 -20.18 -0.29 29.32
C ARG C 413 -21.28 -1.29 29.65
N GLN C 414 -21.49 -1.54 30.95
CA GLN C 414 -22.60 -2.42 31.36
C GLN C 414 -23.98 -1.91 30.92
N ALA C 415 -24.20 -0.62 31.03
CA ALA C 415 -25.47 -0.01 30.62
C ALA C 415 -25.60 -0.08 29.10
N LEU C 416 -24.51 0.19 28.37
CA LEU C 416 -24.54 0.14 26.88
C LEU C 416 -24.84 -1.21 26.33
N ALA C 417 -24.43 -2.26 27.03
CA ALA C 417 -24.63 -3.62 26.59
C ALA C 417 -26.13 -3.97 26.51
N GLN C 418 -26.98 -3.19 27.17
CA GLN C 418 -28.41 -3.44 27.17
C GLN C 418 -29.13 -2.85 25.94
N ILE C 419 -28.45 -2.01 25.12
CA ILE C 419 -29.16 -1.36 24.02
C ILE C 419 -29.52 -2.36 22.92
N SER C 420 -30.54 -2.01 22.13
CA SER C 420 -30.91 -2.81 20.95
C SER C 420 -31.63 -1.88 19.99
N LEU C 421 -31.63 -2.23 18.70
CA LEU C 421 -32.30 -1.43 17.71
C LEU C 421 -33.83 -1.35 17.92
N PRO C 422 -34.48 -2.47 18.29
CA PRO C 422 -35.91 -2.37 18.69
C PRO C 422 -36.20 -1.35 19.76
N ARG C 423 -35.34 -1.26 20.77
CA ARG C 423 -35.56 -0.27 21.84
C ARG C 423 -35.37 1.17 21.34
N ILE C 424 -34.37 1.39 20.50
CA ILE C 424 -34.17 2.70 19.89
C ILE C 424 -35.43 3.12 19.09
N ILE C 425 -36.02 2.17 18.38
CA ILE C 425 -37.26 2.43 17.63
C ILE C 425 -38.39 2.82 18.60
N CYS C 426 -38.54 2.07 19.68
CA CYS C 426 -39.59 2.35 20.75
C CYS C 426 -39.43 3.74 21.31
N ASP C 427 -38.19 4.10 21.57
CA ASP C 427 -37.89 5.38 22.22
C ASP C 427 -38.10 6.61 21.35
N ASN C 428 -38.09 6.46 20.03
CA ASN C 428 -38.00 7.62 19.14
C ASN C 428 -39.08 7.70 18.08
N THR C 429 -40.10 6.86 18.20
CA THR C 429 -41.15 6.82 17.20
C THR C 429 -42.49 6.56 17.91
N GLY C 430 -43.58 6.53 17.13
CA GLY C 430 -44.86 6.11 17.65
C GLY C 430 -45.13 4.63 17.62
N ILE C 431 -44.15 3.81 17.26
CA ILE C 431 -44.32 2.37 17.19
C ILE C 431 -44.29 1.76 18.59
N THR C 432 -45.24 0.88 18.88
CA THR C 432 -45.36 0.27 20.23
C THR C 432 -45.15 -1.25 20.28
N THR C 433 -45.11 -1.89 19.12
CA THR C 433 -44.79 -3.28 19.02
C THR C 433 -43.67 -3.39 18.00
N VAL C 434 -42.64 -4.14 18.37
CA VAL C 434 -41.39 -4.20 17.56
C VAL C 434 -40.88 -5.62 17.52
N SER C 435 -39.95 -5.86 16.59
CA SER C 435 -39.27 -7.13 16.51
C SER C 435 -38.60 -7.58 17.80
N LYS C 436 -38.73 -8.89 18.05
CA LYS C 436 -37.89 -9.59 19.02
C LYS C 436 -36.42 -9.62 18.56
N ASN C 437 -35.51 -9.59 19.52
CA ASN C 437 -34.09 -9.73 19.19
C ASN C 437 -34.00 -11.15 18.64
N ASN C 438 -33.28 -11.41 17.55
CA ASN C 438 -32.46 -10.42 16.79
C ASN C 438 -33.34 -9.77 15.74
N ILE C 439 -33.39 -8.44 15.73
CA ILE C 439 -34.20 -7.69 14.75
C ILE C 439 -33.91 -8.07 13.28
N PHE C 440 -32.66 -8.47 13.02
CA PHE C 440 -32.27 -8.77 11.63
C PHE C 440 -32.75 -10.11 11.16
N MET C 441 -33.20 -10.96 12.07
CA MET C 441 -33.74 -12.25 11.77
C MET C 441 -35.25 -12.27 11.82
N SER C 442 -35.81 -11.75 12.93
CA SER C 442 -37.25 -11.54 13.07
C SER C 442 -37.87 -10.86 11.90
N ASN C 443 -38.90 -11.44 11.33
CA ASN C 443 -39.50 -10.84 10.13
C ASN C 443 -40.98 -11.08 9.90
N SER C 444 -41.64 -11.77 10.82
CA SER C 444 -43.03 -12.17 10.60
C SER C 444 -43.91 -11.71 11.78
N TYR C 445 -44.88 -10.84 11.47
CA TYR C 445 -45.85 -10.36 12.45
C TYR C 445 -47.07 -11.26 12.48
N PRO C 446 -47.58 -11.69 13.64
CA PRO C 446 -47.15 -11.31 14.98
C PRO C 446 -46.14 -12.23 15.61
N ARG C 447 -45.81 -13.37 14.98
CA ARG C 447 -44.91 -14.36 15.62
C ARG C 447 -43.64 -13.81 16.27
N ASP C 448 -42.96 -12.91 15.56
CA ASP C 448 -41.62 -12.46 15.99
C ASP C 448 -41.65 -11.05 16.65
N PHE C 449 -42.78 -10.65 17.22
CA PHE C 449 -42.98 -9.27 17.70
C PHE C 449 -43.33 -9.25 19.18
N VAL C 450 -42.92 -8.18 19.86
CA VAL C 450 -43.13 -7.99 21.29
C VAL C 450 -43.52 -6.55 21.58
N ASN C 451 -44.15 -6.29 22.72
CA ASN C 451 -44.45 -4.91 23.07
C ASN C 451 -43.21 -4.21 23.62
N CYS C 452 -43.14 -2.91 23.41
CA CYS C 452 -42.02 -2.07 23.86
C CYS C 452 -41.77 -2.17 25.35
N SER C 453 -42.84 -2.35 26.14
CA SER C 453 -42.67 -2.45 27.61
C SER C 453 -41.87 -3.62 28.08
N THR C 454 -41.67 -4.63 27.23
CA THR C 454 -40.81 -5.73 27.60
C THR C 454 -39.32 -5.46 27.44
N LEU C 455 -38.93 -4.33 26.82
CA LEU C 455 -37.53 -4.14 26.49
C LEU C 455 -36.88 -3.19 27.48
N PRO C 456 -35.69 -3.56 27.98
CA PRO C 456 -34.95 -2.65 28.86
C PRO C 456 -34.53 -1.40 28.07
N ALA C 457 -34.68 -0.24 28.70
CA ALA C 457 -34.20 1.04 28.16
C ALA C 457 -32.79 1.36 28.71
N LEU C 458 -32.01 2.14 27.96
CA LEU C 458 -30.65 2.53 28.37
C LEU C 458 -30.73 3.32 29.66
N ASN C 459 -30.06 2.83 30.69
CA ASN C 459 -29.99 3.54 31.94
C ASN C 459 -28.81 4.49 31.94
N LEU C 460 -29.07 5.80 31.99
CA LEU C 460 -28.00 6.82 31.98
C LEU C 460 -27.45 7.19 33.38
N ALA C 461 -27.87 6.50 34.43
CA ALA C 461 -27.44 6.86 35.82
C ALA C 461 -25.91 7.00 35.94
N SER C 462 -25.14 6.13 35.26
CA SER C 462 -23.69 6.19 35.35
C SER C 462 -23.03 7.33 34.56
N TRP C 463 -23.83 8.19 33.89
CA TRP C 463 -23.34 9.40 33.29
C TRP C 463 -23.50 10.62 34.19
N ARG C 464 -24.02 10.44 35.42
CA ARG C 464 -24.22 11.59 36.32
C ARG C 464 -22.90 12.00 36.91
N GLU C 465 -22.60 13.28 36.88
CA GLU C 465 -21.34 13.78 37.48
C GLU C 465 -21.55 14.72 38.65
N ASN D 2 19.45 26.27 -3.52
CA ASN D 2 18.91 26.42 -2.16
C ASN D 2 19.70 25.34 -1.28
N CYS D 3 19.45 24.03 -1.38
CA CYS D 3 19.88 23.09 -0.27
C CYS D 3 21.39 22.83 -0.14
N GLU D 4 22.18 23.07 -1.19
CA GLU D 4 23.68 22.88 -1.10
C GLU D 4 24.30 23.96 -0.24
N THR D 5 23.74 25.16 -0.22
CA THR D 5 24.38 26.27 0.46
C THR D 5 23.59 26.96 1.54
N SER D 6 22.27 26.79 1.57
CA SER D 6 21.49 27.47 2.61
C SER D 6 21.23 26.50 3.77
N CYS D 7 21.21 27.03 4.98
CA CYS D 7 20.82 26.30 6.17
C CYS D 7 19.35 26.50 6.56
N VAL D 8 18.60 27.20 5.73
CA VAL D 8 17.21 27.45 6.00
C VAL D 8 16.39 26.19 5.74
N GLN D 9 15.48 25.91 6.66
CA GLN D 9 14.61 24.78 6.52
C GLN D 9 13.33 25.23 5.81
N GLN D 10 13.35 25.04 4.53
CA GLN D 10 12.25 25.41 3.64
C GLN D 10 12.30 24.35 2.56
N PRO D 11 11.14 23.84 2.13
CA PRO D 11 11.14 22.78 1.11
C PRO D 11 11.88 23.20 -0.13
N PRO D 12 12.68 22.32 -0.75
CA PRO D 12 12.75 20.90 -0.49
C PRO D 12 13.87 20.51 0.48
N CYS D 13 14.39 21.48 1.24
CA CYS D 13 15.60 21.28 2.06
C CYS D 13 15.19 20.78 3.43
N PHE D 14 16.00 19.92 4.03
CA PHE D 14 15.77 19.43 5.41
C PHE D 14 17.15 19.25 6.05
N PRO D 15 17.87 20.39 6.21
CA PRO D 15 19.28 20.34 6.65
C PRO D 15 19.39 19.74 8.01
N LEU D 16 20.51 19.05 8.24
CA LEU D 16 20.77 18.51 9.58
C LEU D 16 21.40 19.56 10.45
N LYS D 17 20.78 19.81 11.61
CA LYS D 17 21.32 20.76 12.58
C LYS D 17 22.52 20.19 13.32
N ILE D 18 23.35 21.10 13.83
CA ILE D 18 24.63 20.75 14.42
C ILE D 18 24.45 20.84 15.94
N PRO D 19 24.81 19.80 16.66
CA PRO D 19 24.67 19.89 18.13
C PRO D 19 25.77 20.71 18.78
N PRO D 20 25.54 21.15 20.02
CA PRO D 20 26.66 21.80 20.73
C PRO D 20 27.82 20.82 20.98
N ASN D 21 29.05 21.32 21.05
CA ASN D 21 30.21 20.44 21.34
C ASN D 21 30.37 19.35 20.29
N ASP D 22 30.01 19.65 19.04
CA ASP D 22 30.27 18.73 17.97
C ASP D 22 31.80 18.57 17.81
N PRO D 23 32.26 17.34 17.63
CA PRO D 23 33.73 17.16 17.49
C PRO D 23 34.39 17.77 16.26
N ARG D 24 33.62 18.11 15.23
CA ARG D 24 34.15 18.65 13.98
C ARG D 24 33.62 20.01 13.56
N ILE D 25 32.31 20.23 13.69
CA ILE D 25 31.67 21.43 13.13
C ILE D 25 31.41 22.36 14.31
N LYS D 26 32.26 23.36 14.42
CA LYS D 26 32.21 24.25 15.57
C LYS D 26 31.22 25.38 15.38
N ASN D 27 30.90 25.72 14.14
CA ASN D 27 29.87 26.72 13.86
C ASN D 27 28.45 26.13 13.97
N GLN D 28 27.72 26.45 15.06
CA GLN D 28 26.34 25.91 15.20
C GLN D 28 25.32 26.54 14.25
N ALA D 29 25.69 27.60 13.53
CA ALA D 29 24.80 28.17 12.52
C ALA D 29 24.98 27.48 11.16
N ASP D 30 25.96 26.59 11.07
CA ASP D 30 26.16 25.78 9.87
C ASP D 30 25.20 24.56 9.95
N CYS D 31 25.27 23.70 8.93
CA CYS D 31 24.39 22.52 8.86
C CYS D 31 25.02 21.56 7.90
N ILE D 32 24.58 20.31 7.94
CA ILE D 32 24.91 19.37 6.90
C ILE D 32 23.77 19.44 5.89
N PRO D 33 24.10 19.70 4.61
CA PRO D 33 23.09 19.83 3.56
C PRO D 33 22.28 18.53 3.35
N PHE D 34 21.02 18.69 3.00
CA PHE D 34 20.10 17.59 2.76
C PHE D 34 18.91 18.03 1.95
N PHE D 35 18.68 17.37 0.82
CA PHE D 35 17.50 17.57 -0.02
C PHE D 35 16.51 16.42 0.26
N ARG D 36 15.26 16.76 0.50
CA ARG D 36 14.22 15.73 0.65
C ARG D 36 14.10 14.95 -0.62
N SER D 37 13.83 13.66 -0.47
CA SER D 37 13.58 12.83 -1.63
C SER D 37 12.32 13.33 -2.36
N CSO D 38 12.33 13.26 -3.68
CA CSO D 38 11.16 13.70 -4.48
CB CSO D 38 11.33 13.39 -5.97
SG CSO D 38 12.65 14.37 -6.75
C CSO D 38 9.89 12.95 -4.08
O CSO D 38 9.90 11.71 -3.94
OD CSO D 38 11.98 15.96 -6.79
N PRO D 39 8.77 13.66 -3.91
CA PRO D 39 7.52 12.97 -3.62
C PRO D 39 6.91 12.37 -4.87
N ALA D 40 6.22 11.25 -4.72
CA ALA D 40 5.47 10.65 -5.83
C ALA D 40 4.36 11.57 -6.31
N CYS D 41 3.78 12.37 -5.42
CA CYS D 41 2.64 13.25 -5.73
C CYS D 41 2.87 14.63 -5.18
N PRO D 42 3.67 15.45 -5.88
CA PRO D 42 4.05 16.76 -5.37
C PRO D 42 2.88 17.68 -5.07
N GLY D 43 2.90 18.28 -3.89
CA GLY D 43 1.90 19.31 -3.53
C GLY D 43 0.56 18.76 -3.03
N SER D 44 0.44 17.44 -2.89
CA SER D 44 -0.85 16.85 -2.52
C SER D 44 -1.27 17.16 -1.08
N ASN D 45 -2.53 17.55 -0.94
CA ASN D 45 -3.19 17.60 0.36
C ASN D 45 -4.00 16.32 0.65
N ILE D 46 -3.92 15.31 -0.21
CA ILE D 46 -4.67 14.06 -0.03
C ILE D 46 -3.72 12.91 0.30
N THR D 47 -2.64 12.75 -0.48
CA THR D 47 -1.81 11.56 -0.35
C THR D 47 -0.93 11.66 0.90
N ILE D 48 -0.57 10.48 1.41
CA ILE D 48 0.46 10.36 2.41
C ILE D 48 1.78 10.30 1.59
N ARG D 49 2.68 11.22 1.83
CA ARG D 49 3.88 11.34 0.99
C ARG D 49 4.64 10.03 0.87
N ASN D 50 5.00 9.69 -0.37
CA ASN D 50 5.80 8.51 -0.64
C ASN D 50 6.86 8.92 -1.64
N GLN D 51 7.92 8.11 -1.75
CA GLN D 51 9.07 8.42 -2.57
C GLN D 51 9.13 7.47 -3.75
N ILE D 52 10.07 7.76 -4.65
CA ILE D 52 10.11 7.11 -5.97
C ILE D 52 11.38 6.26 -6.12
N ASN D 53 11.23 5.11 -6.77
CA ASN D 53 12.36 4.30 -7.22
C ASN D 53 12.59 4.55 -8.69
N ALA D 54 13.74 5.17 -9.00
CA ALA D 54 14.10 5.41 -10.40
C ALA D 54 14.56 4.19 -11.17
N LEU D 55 14.84 3.06 -10.51
CA LEU D 55 15.37 1.88 -11.11
C LEU D 55 14.37 0.71 -11.20
N THR D 56 14.68 -0.28 -12.03
CA THR D 56 13.95 -1.53 -11.95
C THR D 56 14.29 -2.28 -10.68
N SER D 57 13.26 -2.75 -9.98
CA SER D 57 13.54 -3.48 -8.73
C SER D 57 14.26 -4.79 -8.99
N PHE D 58 14.03 -5.40 -10.16
CA PHE D 58 14.53 -6.75 -10.42
C PHE D 58 16.07 -6.79 -10.35
N VAL D 59 16.58 -7.97 -10.02
CA VAL D 59 18.02 -8.29 -10.10
C VAL D 59 18.27 -8.61 -11.56
N ASP D 60 18.40 -7.54 -12.34
CA ASP D 60 18.45 -7.66 -13.81
C ASP D 60 19.66 -6.94 -14.46
N ALA D 61 20.64 -6.59 -13.63
CA ALA D 61 21.80 -5.81 -14.07
C ALA D 61 21.45 -4.46 -14.71
N SER D 62 20.41 -3.82 -14.20
CA SER D 62 20.04 -2.50 -14.69
C SER D 62 21.16 -1.46 -14.39
N MET D 63 22.02 -1.77 -13.40
CA MET D 63 23.31 -1.12 -13.00
C MET D 63 24.16 -0.89 -14.28
N VAL D 64 24.09 -1.88 -15.17
CA VAL D 64 24.87 -1.94 -16.41
C VAL D 64 24.09 -1.39 -17.60
N TYR D 65 22.82 -1.79 -17.75
CA TYR D 65 22.06 -1.51 -18.96
C TYR D 65 21.21 -0.26 -18.98
N GLY D 66 20.91 0.29 -17.80
CA GLY D 66 19.98 1.38 -17.64
C GLY D 66 18.57 0.89 -17.32
N SER D 67 17.77 1.80 -16.73
CA SER D 67 16.37 1.50 -16.36
C SER D 67 15.38 2.36 -17.18
N GLU D 68 15.89 3.12 -18.13
CA GLU D 68 15.07 3.96 -19.02
C GLU D 68 15.57 3.77 -20.45
N GLU D 69 14.67 3.79 -21.42
CA GLU D 69 15.04 3.40 -22.81
C GLU D 69 16.03 4.32 -23.51
N PRO D 70 15.91 5.66 -23.34
CA PRO D 70 16.92 6.55 -23.98
C PRO D 70 18.36 6.34 -23.45
N LEU D 71 18.52 6.29 -22.14
CA LEU D 71 19.80 5.92 -21.57
C LEU D 71 20.29 4.57 -22.08
N ALA D 72 19.41 3.56 -22.08
CA ALA D 72 19.83 2.20 -22.49
C ALA D 72 20.36 2.21 -23.93
N ARG D 73 19.71 2.97 -24.80
CA ARG D 73 20.17 3.08 -26.19
C ARG D 73 21.53 3.80 -26.26
N ASN D 74 21.69 4.86 -25.48
CA ASN D 74 22.92 5.62 -25.45
C ASN D 74 24.12 4.88 -24.88
N LEU D 75 23.90 3.88 -24.05
CA LEU D 75 24.96 3.02 -23.51
C LEU D 75 25.44 1.99 -24.54
N ARG D 76 24.67 1.79 -25.62
CA ARG D 76 25.02 0.83 -26.66
C ARG D 76 25.91 1.42 -27.76
N ASN D 77 26.70 0.53 -28.34
CA ASN D 77 27.55 0.86 -29.48
C ASN D 77 26.66 0.58 -30.71
N MET D 78 26.17 1.65 -31.28
CA MET D 78 25.31 1.60 -32.44
C MET D 78 26.12 1.81 -33.74
N SER D 79 27.45 1.74 -33.70
CA SER D 79 28.27 1.85 -34.93
C SER D 79 28.26 0.61 -35.79
N ASN D 80 27.76 -0.50 -35.27
CA ASN D 80 27.93 -1.79 -35.94
C ASN D 80 26.84 -2.72 -35.42
N GLN D 81 26.82 -3.94 -35.88
CA GLN D 81 25.79 -4.92 -35.52
C GLN D 81 26.31 -5.97 -34.54
N LEU D 82 27.23 -5.59 -33.67
CA LEU D 82 27.89 -6.58 -32.81
C LEU D 82 27.26 -6.70 -31.41
N GLY D 83 26.28 -5.85 -31.12
CA GLY D 83 25.50 -5.98 -29.89
C GLY D 83 26.29 -5.53 -28.66
N LEU D 84 27.26 -4.64 -28.86
CA LEU D 84 28.21 -4.23 -27.78
C LEU D 84 27.69 -3.08 -27.00
N LEU D 85 28.17 -2.94 -25.77
CA LEU D 85 28.08 -1.67 -25.04
C LEU D 85 29.24 -0.74 -25.42
N ALA D 86 28.94 0.57 -25.45
CA ALA D 86 29.87 1.62 -25.76
C ALA D 86 31.02 1.61 -24.73
N VAL D 87 32.22 1.90 -25.19
CA VAL D 87 33.43 1.97 -24.34
C VAL D 87 34.09 3.31 -24.46
N ASN D 88 34.96 3.64 -23.50
CA ASN D 88 35.65 4.92 -23.51
C ASN D 88 36.45 5.08 -24.82
N GLN D 89 36.35 6.24 -25.42
CA GLN D 89 37.05 6.51 -26.70
C GLN D 89 38.41 7.23 -26.55
N ARG D 90 38.78 7.61 -25.35
CA ARG D 90 40.00 8.37 -25.06
C ARG D 90 41.01 7.51 -24.32
N PHE D 91 40.57 6.56 -23.48
CA PHE D 91 41.47 5.82 -22.61
C PHE D 91 41.11 4.33 -22.58
N GLN D 92 42.14 3.50 -22.38
CA GLN D 92 42.03 2.08 -22.11
C GLN D 92 42.89 1.76 -20.89
N ASP D 93 42.60 0.61 -20.30
CA ASP D 93 43.29 0.09 -19.14
C ASP D 93 44.11 -1.11 -19.61
N ASN D 94 45.37 -0.85 -19.91
CA ASN D 94 46.23 -1.82 -20.59
C ASN D 94 45.53 -2.63 -21.66
N GLY D 95 44.96 -1.93 -22.61
CA GLY D 95 44.31 -2.55 -23.73
C GLY D 95 42.90 -3.00 -23.49
N ARG D 96 42.37 -2.88 -22.28
CA ARG D 96 40.99 -3.32 -21.99
C ARG D 96 40.10 -2.09 -21.80
N ALA D 97 38.78 -2.29 -21.94
CA ALA D 97 37.80 -1.21 -22.01
C ALA D 97 37.60 -0.49 -20.67
N LEU D 98 37.42 0.82 -20.74
CA LEU D 98 36.87 1.60 -19.63
C LEU D 98 35.47 2.05 -20.02
N LEU D 99 34.71 2.45 -19.01
CA LEU D 99 33.39 3.02 -19.24
C LEU D 99 33.51 4.31 -20.05
N PRO D 100 32.52 4.59 -20.89
CA PRO D 100 32.46 5.93 -21.49
C PRO D 100 32.33 7.07 -20.47
N PHE D 101 32.75 8.28 -20.87
CA PHE D 101 32.58 9.45 -20.01
C PHE D 101 31.17 9.99 -20.14
N ASP D 102 30.65 10.56 -19.07
CA ASP D 102 29.39 11.25 -19.09
C ASP D 102 29.66 12.70 -19.44
N ASN D 103 28.58 13.43 -19.71
CA ASN D 103 28.63 14.88 -19.95
C ASN D 103 27.70 15.60 -18.99
N LEU D 104 28.19 15.86 -17.79
CA LEU D 104 27.42 16.52 -16.75
C LEU D 104 27.72 18.01 -16.76
N HIS D 105 26.70 18.79 -16.46
CA HIS D 105 26.84 20.22 -16.33
C HIS D 105 27.70 20.62 -15.12
N ASP D 106 27.48 19.98 -13.96
CA ASP D 106 28.24 20.26 -12.74
C ASP D 106 28.87 18.91 -12.35
N ASP D 107 30.02 18.61 -12.93
CA ASP D 107 30.63 17.27 -12.78
C ASP D 107 31.52 17.19 -11.53
N PRO D 108 31.12 16.37 -10.54
CA PRO D 108 31.92 16.33 -9.35
C PRO D 108 33.30 15.68 -9.50
N CYS D 109 33.44 14.78 -10.44
CA CYS D 109 34.72 14.06 -10.58
C CYS D 109 35.84 15.02 -10.96
N LEU D 110 35.48 16.04 -11.74
CA LEU D 110 36.47 17.05 -12.17
C LEU D 110 37.04 17.81 -10.99
N LEU D 111 36.27 17.90 -9.90
CA LEU D 111 36.72 18.63 -8.70
C LEU D 111 37.73 17.87 -7.86
N THR D 112 37.82 16.56 -8.02
CA THR D 112 38.72 15.80 -7.15
C THR D 112 40.18 15.89 -7.54
N ASN D 113 40.45 16.18 -8.79
CA ASN D 113 41.81 16.49 -9.20
C ASN D 113 41.68 17.44 -10.36
N ARG D 114 41.88 18.71 -10.03
CA ARG D 114 41.67 19.77 -11.03
C ARG D 114 42.57 19.65 -12.29
N SER D 115 43.85 19.37 -12.11
CA SER D 115 44.78 19.21 -13.23
C SER D 115 44.50 17.96 -14.09
N ALA D 116 43.97 16.86 -13.52
CA ALA D 116 43.70 15.64 -14.30
C ALA D 116 42.60 15.77 -15.32
N ARG D 117 41.58 16.55 -14.98
CA ARG D 117 40.43 16.81 -15.87
C ARG D 117 39.75 15.53 -16.39
N ILE D 118 39.56 14.54 -15.50
CA ILE D 118 38.91 13.28 -15.87
C ILE D 118 37.47 13.36 -15.34
N PRO D 119 36.48 13.35 -16.23
CA PRO D 119 35.10 13.53 -15.79
C PRO D 119 34.49 12.20 -15.27
N CYS D 120 33.25 12.25 -14.82
CA CYS D 120 32.54 11.07 -14.34
C CYS D 120 32.28 10.08 -15.48
N PHE D 121 32.19 8.81 -15.13
CA PHE D 121 31.80 7.76 -16.07
C PHE D 121 30.31 7.70 -16.29
N LEU D 122 29.92 7.20 -17.45
CA LEU D 122 28.52 6.94 -17.83
C LEU D 122 28.27 5.41 -17.72
N ALA D 123 27.31 5.04 -16.89
CA ALA D 123 26.86 3.67 -16.75
C ALA D 123 25.31 3.59 -16.65
N GLY D 124 24.82 2.39 -16.40
CA GLY D 124 23.37 2.18 -16.28
C GLY D 124 22.78 2.87 -15.07
N ASP D 125 23.60 3.10 -14.04
CA ASP D 125 23.18 3.85 -12.85
C ASP D 125 24.06 5.07 -12.69
N THR D 126 23.50 6.14 -12.15
CA THR D 126 24.19 7.44 -12.08
C THR D 126 25.31 7.52 -11.05
N ARG D 127 25.40 6.54 -10.17
CA ARG D 127 26.35 6.60 -9.06
C ARG D 127 27.67 5.87 -9.35
N SER D 128 27.95 5.52 -10.61
CA SER D 128 29.06 4.57 -10.89
C SER D 128 30.41 5.09 -10.52
N SER D 129 30.56 6.42 -10.46
CA SER D 129 31.85 7.04 -10.14
C SER D 129 32.01 7.36 -8.65
N GLU D 130 31.07 6.97 -7.80
CA GLU D 130 31.08 7.39 -6.40
C GLU D 130 32.34 6.91 -5.68
N MET D 131 32.84 5.72 -6.00
CA MET D 131 34.14 5.30 -5.48
C MET D 131 34.77 4.40 -6.55
N PRO D 132 36.13 4.39 -6.65
CA PRO D 132 36.77 3.60 -7.73
C PRO D 132 36.56 2.10 -7.65
N GLU D 133 36.31 1.59 -6.45
CA GLU D 133 35.99 0.19 -6.24
C GLU D 133 34.65 -0.17 -6.91
N LEU D 134 33.68 0.74 -6.84
CA LEU D 134 32.41 0.58 -7.51
C LEU D 134 32.60 0.71 -9.02
N THR D 135 33.36 1.72 -9.42
CA THR D 135 33.65 1.90 -10.84
C THR D 135 34.27 0.65 -11.43
N SER D 136 35.16 0.02 -10.66
CA SER D 136 35.82 -1.17 -11.10
C SER D 136 34.84 -2.31 -11.38
N MET D 137 33.83 -2.46 -10.50
CA MET D 137 32.85 -3.51 -10.70
C MET D 137 31.98 -3.23 -11.93
N HIS D 138 31.57 -1.98 -12.08
CA HIS D 138 30.83 -1.59 -13.28
C HIS D 138 31.62 -1.91 -14.57
N THR D 139 32.91 -1.62 -14.52
CA THR D 139 33.77 -1.79 -15.69
C THR D 139 33.94 -3.29 -15.99
N LEU D 140 34.05 -4.11 -14.97
CA LEU D 140 34.14 -5.53 -15.12
C LEU D 140 32.90 -6.07 -15.86
N LEU D 141 31.70 -5.61 -15.45
CA LEU D 141 30.45 -6.11 -16.07
C LEU D 141 30.31 -5.64 -17.51
N LEU D 142 30.72 -4.41 -17.81
CA LEU D 142 30.75 -3.88 -19.18
C LEU D 142 31.61 -4.80 -20.09
N ARG D 143 32.79 -5.12 -19.61
CA ARG D 143 33.67 -6.03 -20.33
C ARG D 143 33.07 -7.40 -20.49
N GLU D 144 32.40 -7.94 -19.46
CA GLU D 144 31.75 -9.26 -19.58
C GLU D 144 30.66 -9.30 -20.61
N HIS D 145 29.85 -8.25 -20.62
CA HIS D 145 28.82 -8.15 -21.68
C HIS D 145 29.50 -8.26 -23.08
N ASN D 146 30.49 -7.39 -23.33
CA ASN D 146 31.14 -7.37 -24.64
C ASN D 146 31.81 -8.68 -24.97
N ARG D 147 32.39 -9.34 -23.97
CA ARG D 147 33.00 -10.66 -24.17
C ARG D 147 31.96 -11.69 -24.64
N LEU D 148 30.83 -11.72 -23.95
CA LEU D 148 29.77 -12.64 -24.33
C LEU D 148 29.19 -12.36 -25.71
N ALA D 149 28.90 -11.10 -26.01
CA ALA D 149 28.40 -10.72 -27.35
C ALA D 149 29.39 -11.16 -28.42
N THR D 150 30.68 -11.06 -28.14
CA THR D 150 31.73 -11.50 -29.08
C THR D 150 31.71 -13.00 -29.30
N GLU D 151 31.66 -13.75 -28.21
CA GLU D 151 31.56 -15.20 -28.28
C GLU D 151 30.27 -15.67 -28.94
N LEU D 152 29.17 -14.99 -28.65
CA LEU D 152 27.87 -15.38 -29.28
C LEU D 152 27.88 -15.10 -30.78
N LYS D 153 28.59 -14.07 -31.20
CA LYS D 153 28.71 -13.76 -32.65
C LYS D 153 29.51 -14.85 -33.37
N SER D 154 30.58 -15.33 -32.74
CA SER D 154 31.36 -16.44 -33.32
C SER D 154 30.53 -17.71 -33.41
N LEU D 155 29.71 -17.97 -32.39
CA LEU D 155 28.88 -19.14 -32.32
C LEU D 155 27.70 -19.09 -33.31
N ASN D 156 27.13 -17.88 -33.46
CA ASN D 156 25.90 -17.61 -34.24
C ASN D 156 26.13 -16.43 -35.18
N PRO D 157 26.87 -16.66 -36.29
CA PRO D 157 27.25 -15.53 -37.13
C PRO D 157 26.11 -14.78 -37.80
N ARG D 158 24.95 -15.41 -37.92
CA ARG D 158 23.79 -14.75 -38.49
C ARG D 158 23.00 -13.86 -37.53
N TRP D 159 23.22 -13.97 -36.22
CA TRP D 159 22.51 -13.09 -35.26
C TRP D 159 22.83 -11.61 -35.46
N ASP D 160 21.81 -10.76 -35.46
CA ASP D 160 21.98 -9.32 -35.59
C ASP D 160 22.33 -8.66 -34.25
N GLY D 161 22.62 -7.37 -34.31
CA GLY D 161 23.05 -6.60 -33.15
C GLY D 161 22.09 -6.65 -31.99
N GLU D 162 20.80 -6.52 -32.29
CA GLU D 162 19.77 -6.58 -31.25
C GLU D 162 19.77 -7.90 -30.53
N ARG D 163 19.83 -9.00 -31.28
CA ARG D 163 19.81 -10.32 -30.71
C ARG D 163 21.05 -10.58 -29.85
N LEU D 164 22.21 -10.14 -30.33
CA LEU D 164 23.44 -10.33 -29.58
C LEU D 164 23.38 -9.57 -28.24
N TYR D 165 22.96 -8.32 -28.32
CA TYR D 165 22.85 -7.47 -27.14
C TYR D 165 21.90 -8.13 -26.14
N GLN D 166 20.71 -8.53 -26.60
CA GLN D 166 19.72 -9.11 -25.68
C GLN D 166 20.17 -10.42 -25.04
N GLU D 167 20.76 -11.34 -25.83
CA GLU D 167 21.24 -12.59 -25.31
C GLU D 167 22.37 -12.40 -24.31
N ALA D 168 23.31 -11.48 -24.62
CA ALA D 168 24.41 -11.23 -23.67
C ALA D 168 23.84 -10.57 -22.39
N ARG D 169 22.91 -9.65 -22.54
CA ARG D 169 22.26 -8.98 -21.38
C ARG D 169 21.58 -10.02 -20.46
N LYS D 170 20.93 -11.00 -21.08
CA LYS D 170 20.18 -12.02 -20.34
C LYS D 170 21.15 -12.86 -19.55
N ILE D 171 22.32 -13.15 -20.13
CA ILE D 171 23.32 -13.94 -19.42
C ILE D 171 23.89 -13.11 -18.24
N VAL D 172 24.23 -11.86 -18.49
CA VAL D 172 24.80 -10.98 -17.42
C VAL D 172 23.80 -10.89 -16.26
N GLY D 173 22.52 -10.69 -16.56
CA GLY D 173 21.50 -10.65 -15.51
C GLY D 173 21.45 -11.93 -14.70
N ALA D 174 21.54 -13.10 -15.35
CA ALA D 174 21.55 -14.39 -14.65
C ALA D 174 22.77 -14.51 -13.74
N MET D 175 23.94 -14.04 -14.22
CA MET D 175 25.17 -14.13 -13.43
C MET D 175 25.05 -13.29 -12.15
N VAL D 176 24.45 -12.11 -12.28
CA VAL D 176 24.21 -11.27 -11.09
C VAL D 176 23.27 -11.99 -10.13
N GLN D 177 22.21 -12.62 -10.67
CA GLN D 177 21.31 -13.39 -9.82
C GLN D 177 22.01 -14.52 -9.08
N ILE D 178 22.81 -15.27 -9.80
CA ILE D 178 23.49 -16.45 -9.23
C ILE D 178 24.45 -16.02 -8.15
N ILE D 179 25.33 -15.06 -8.46
CA ILE D 179 26.30 -14.62 -7.47
C ILE D 179 25.56 -14.11 -6.21
N THR D 180 24.51 -13.34 -6.44
CA THR D 180 23.78 -12.73 -5.33
C THR D 180 23.15 -13.79 -4.46
N TYR D 181 22.40 -14.71 -5.05
CA TYR D 181 21.62 -15.64 -4.21
C TYR D 181 22.39 -16.85 -3.75
N ARG D 182 23.34 -17.32 -4.57
CA ARG D 182 24.14 -18.49 -4.18
C ARG D 182 25.26 -18.12 -3.25
N ASP D 183 25.93 -17.01 -3.53
CA ASP D 183 27.18 -16.66 -2.83
C ASP D 183 27.07 -15.52 -1.83
N TYR D 184 26.37 -14.43 -2.17
CA TYR D 184 26.32 -13.24 -1.32
C TYR D 184 25.29 -13.33 -0.17
N LEU D 185 24.01 -13.53 -0.52
CA LEU D 185 22.96 -13.53 0.52
C LEU D 185 23.14 -14.54 1.66
N PRO D 186 23.60 -15.75 1.39
CA PRO D 186 23.86 -16.62 2.57
C PRO D 186 24.82 -16.09 3.58
N LEU D 187 25.80 -15.31 3.13
CA LEU D 187 26.82 -14.71 3.99
C LEU D 187 26.32 -13.41 4.66
N VAL D 188 25.25 -12.81 4.13
CA VAL D 188 24.60 -11.67 4.79
C VAL D 188 23.69 -12.22 5.92
N LEU D 189 22.81 -13.15 5.55
CA LEU D 189 21.72 -13.60 6.45
C LEU D 189 22.15 -14.65 7.47
N GLY D 190 23.12 -15.49 7.09
CA GLY D 190 23.47 -16.69 7.87
C GLY D 190 22.47 -17.82 7.54
N PRO D 191 22.79 -19.06 7.93
CA PRO D 191 22.03 -20.18 7.42
C PRO D 191 20.60 -20.30 7.90
N THR D 192 20.32 -19.93 9.15
CA THR D 192 18.97 -20.06 9.69
C THR D 192 18.02 -19.07 8.97
N ALA D 193 18.44 -17.82 8.84
CA ALA D 193 17.64 -16.83 8.13
C ALA D 193 17.54 -17.13 6.65
N MET D 194 18.60 -17.67 6.06
CA MET D 194 18.51 -18.07 4.63
C MET D 194 17.39 -19.11 4.45
N ARG D 195 17.33 -20.11 5.32
CA ARG D 195 16.31 -21.16 5.25
C ARG D 195 14.91 -20.62 5.50
N LYS D 196 14.80 -19.66 6.43
CA LYS D 196 13.53 -19.09 6.78
C LYS D 196 13.00 -18.21 5.63
N TYR D 197 13.83 -17.28 5.11
CA TYR D 197 13.35 -16.31 4.18
C TYR D 197 13.52 -16.64 2.73
N LEU D 198 14.47 -17.53 2.42
CA LEU D 198 14.76 -17.91 1.04
C LEU D 198 14.77 -19.43 0.92
N PRO D 199 13.61 -20.05 1.20
CA PRO D 199 13.52 -21.50 1.00
C PRO D 199 13.68 -21.85 -0.47
N THR D 200 13.94 -23.12 -0.73
CA THR D 200 14.25 -23.60 -2.10
C THR D 200 13.24 -23.09 -3.09
N TYR D 201 13.75 -22.53 -4.19
CA TYR D 201 12.89 -21.95 -5.23
C TYR D 201 12.02 -23.04 -5.83
N ARG D 202 10.79 -22.69 -6.13
CA ARG D 202 9.85 -23.56 -6.79
C ARG D 202 9.61 -23.08 -8.21
N SER D 203 8.92 -21.97 -8.37
CA SER D 203 8.67 -21.41 -9.68
C SER D 203 8.09 -20.04 -9.49
N TYR D 204 8.01 -19.32 -10.59
CA TYR D 204 7.44 -17.96 -10.59
C TYR D 204 6.03 -17.94 -10.05
N ASN D 205 5.75 -16.94 -9.24
CA ASN D 205 4.43 -16.70 -8.68
C ASN D 205 4.05 -15.29 -9.02
N ASP D 206 3.03 -15.15 -9.88
CA ASP D 206 2.61 -13.83 -10.37
C ASP D 206 1.81 -13.01 -9.37
N SER D 207 1.59 -13.55 -8.17
CA SER D 207 0.96 -12.80 -7.12
C SER D 207 1.97 -12.30 -6.08
N VAL D 208 3.26 -12.49 -6.30
CA VAL D 208 4.29 -11.95 -5.40
C VAL D 208 4.64 -10.54 -5.88
N ASP D 209 4.46 -9.53 -5.04
CA ASP D 209 4.73 -8.13 -5.46
C ASP D 209 6.28 -7.94 -5.45
N PRO D 210 6.88 -7.65 -6.61
CA PRO D 210 8.34 -7.47 -6.65
C PRO D 210 8.89 -6.07 -6.39
N ARG D 211 8.04 -5.11 -6.01
CA ARG D 211 8.54 -3.77 -5.72
C ARG D 211 9.52 -3.72 -4.53
N ILE D 212 10.45 -2.77 -4.60
CA ILE D 212 11.28 -2.42 -3.41
C ILE D 212 10.37 -1.69 -2.43
N ALA D 213 10.42 -2.14 -1.17
CA ALA D 213 9.78 -1.47 -0.07
C ALA D 213 10.57 -0.29 0.38
N ASN D 214 9.87 0.79 0.75
CA ASN D 214 10.50 2.03 1.18
C ASN D 214 11.56 1.72 2.28
N VAL D 215 11.17 0.90 3.24
CA VAL D 215 12.10 0.54 4.34
C VAL D 215 13.42 -0.12 3.87
N PHE D 216 13.38 -0.89 2.80
CA PHE D 216 14.57 -1.57 2.32
C PHE D 216 15.67 -0.58 1.89
N THR D 217 15.25 0.56 1.33
CA THR D 217 16.19 1.58 0.87
C THR D 217 17.04 2.11 2.01
N ASN D 218 16.56 1.95 3.24
CA ASN D 218 17.28 2.35 4.44
C ASN D 218 17.94 1.17 5.15
N ALA D 219 17.21 0.05 5.26
CA ALA D 219 17.74 -1.15 5.85
C ALA D 219 18.97 -1.75 5.16
N PHE D 220 18.99 -1.71 3.83
CA PHE D 220 20.08 -2.30 3.09
C PHE D 220 21.34 -1.44 3.15
N ARG D 221 21.24 -0.23 3.73
CA ARG D 221 22.41 0.55 4.12
C ARG D 221 23.21 -0.06 5.28
N TYR D 222 22.81 -1.23 5.78
CA TYR D 222 23.65 -1.97 6.75
C TYR D 222 25.11 -2.01 6.27
N GLY D 223 25.30 -2.08 4.95
CA GLY D 223 26.64 -2.19 4.37
C GLY D 223 27.59 -1.05 4.69
N HIS D 224 27.05 0.10 5.07
CA HIS D 224 27.91 1.19 5.57
C HIS D 224 28.82 0.78 6.76
N THR D 225 28.40 -0.24 7.51
CA THR D 225 29.20 -0.77 8.63
C THR D 225 30.37 -1.66 8.17
N LEU D 226 30.43 -2.00 6.90
CA LEU D 226 31.48 -2.90 6.37
C LEU D 226 32.63 -2.12 5.74
N ILE D 227 32.47 -0.82 5.64
CA ILE D 227 33.38 0.04 4.90
C ILE D 227 34.67 0.29 5.66
N GLN D 228 35.79 0.06 4.98
CA GLN D 228 37.13 0.35 5.48
C GLN D 228 37.49 1.83 5.17
N PRO D 229 38.39 2.41 5.97
CA PRO D 229 38.75 3.83 5.77
C PRO D 229 39.73 4.10 4.62
N PHE D 230 40.15 3.08 3.89
CA PHE D 230 41.06 3.26 2.76
C PHE D 230 40.56 2.46 1.58
N MET D 231 40.98 2.92 0.40
CA MET D 231 41.01 2.09 -0.82
C MET D 231 42.40 1.43 -0.90
N PHE D 232 42.41 0.10 -0.99
CA PHE D 232 43.64 -0.73 -0.99
C PHE D 232 43.97 -1.13 -2.41
N ARG D 233 45.19 -0.84 -2.85
CA ARG D 233 45.62 -1.29 -4.20
C ARG D 233 46.79 -2.23 -4.08
N LEU D 234 46.73 -3.34 -4.80
CA LEU D 234 47.77 -4.38 -4.71
C LEU D 234 48.26 -4.78 -6.07
N ASP D 235 49.57 -5.06 -6.16
CA ASP D 235 50.22 -5.40 -7.45
C ASP D 235 50.07 -6.89 -7.73
N ASN D 236 50.73 -7.38 -8.80
CA ASN D 236 50.57 -8.76 -9.18
C ASN D 236 51.27 -9.78 -8.27
N ARG D 237 51.89 -9.34 -7.19
CA ARG D 237 52.29 -10.26 -6.14
C ARG D 237 51.37 -10.17 -4.93
N TYR D 238 50.25 -9.44 -5.08
CA TYR D 238 49.35 -9.14 -4.00
C TYR D 238 50.03 -8.40 -2.88
N GLN D 239 51.00 -7.58 -3.25
CA GLN D 239 51.68 -6.70 -2.30
C GLN D 239 51.21 -5.28 -2.52
N PRO D 240 51.39 -4.42 -1.51
CA PRO D 240 50.96 -3.02 -1.65
C PRO D 240 51.59 -2.34 -2.85
N MET D 241 50.76 -1.67 -3.64
CA MET D 241 51.23 -1.08 -4.85
C MET D 241 51.67 0.32 -4.53
N GLU D 242 52.99 0.51 -4.56
CA GLU D 242 53.65 1.75 -4.15
C GLU D 242 53.56 2.77 -5.27
N PRO D 243 53.66 4.06 -4.94
CA PRO D 243 53.90 4.59 -3.58
C PRO D 243 52.66 4.88 -2.67
N ASN D 244 51.42 4.80 -3.20
CA ASN D 244 50.17 5.07 -2.42
C ASN D 244 49.21 3.87 -2.37
N PRO D 245 49.60 2.83 -1.65
CA PRO D 245 48.80 1.62 -1.70
C PRO D 245 47.51 1.69 -0.84
N ARG D 246 47.40 2.68 0.05
CA ARG D 246 46.24 2.83 0.96
C ARG D 246 45.76 4.27 0.92
N VAL D 247 44.81 4.59 0.03
CA VAL D 247 44.37 5.96 -0.12
C VAL D 247 43.18 6.18 0.86
N PRO D 248 43.22 7.21 1.72
CA PRO D 248 42.02 7.56 2.53
C PRO D 248 40.81 7.73 1.67
N LEU D 249 39.71 7.13 2.12
CA LEU D 249 38.46 7.13 1.35
C LEU D 249 38.01 8.53 0.99
N SER D 250 38.28 9.52 1.86
CA SER D 250 37.90 10.92 1.61
C SER D 250 38.69 11.56 0.45
N ARG D 251 39.65 10.84 -0.13
CA ARG D 251 40.32 11.32 -1.36
C ARG D 251 40.04 10.41 -2.53
N VAL D 252 39.09 9.47 -2.40
CA VAL D 252 38.67 8.61 -3.55
C VAL D 252 37.24 8.78 -4.03
N PHE D 253 36.37 9.42 -3.26
CA PHE D 253 35.03 9.69 -3.72
C PHE D 253 35.04 10.53 -5.01
N PHE D 254 34.36 10.01 -6.02
CA PHE D 254 34.28 10.67 -7.35
C PHE D 254 35.64 10.83 -8.02
N ALA D 255 36.61 10.04 -7.62
CA ALA D 255 37.97 10.18 -8.14
C ALA D 255 38.20 9.26 -9.35
N SER D 256 37.43 9.49 -10.41
CA SER D 256 37.54 8.73 -11.63
C SER D 256 38.95 8.80 -12.25
N TRP D 257 39.64 9.92 -12.00
CA TRP D 257 41.03 10.06 -12.43
C TRP D 257 41.93 8.96 -11.91
N ARG D 258 41.63 8.42 -10.72
CA ARG D 258 42.45 7.32 -10.18
C ARG D 258 42.40 6.06 -11.02
N VAL D 259 41.22 5.76 -11.57
CA VAL D 259 41.07 4.61 -12.45
C VAL D 259 41.84 4.83 -13.77
N VAL D 260 41.68 6.02 -14.34
CA VAL D 260 42.28 6.35 -15.66
C VAL D 260 43.81 6.53 -15.57
N LEU D 261 44.31 7.22 -14.54
CA LEU D 261 45.71 7.65 -14.46
C LEU D 261 46.54 6.94 -13.42
N GLU D 262 45.94 6.14 -12.54
CA GLU D 262 46.70 5.40 -11.51
C GLU D 262 46.55 3.89 -11.60
N GLY D 263 46.48 3.36 -12.80
CA GLY D 263 46.72 1.93 -12.98
C GLY D 263 45.52 1.04 -13.28
N GLY D 264 44.34 1.61 -13.53
CA GLY D 264 43.25 0.81 -14.01
C GLY D 264 42.58 0.03 -12.88
N ILE D 265 41.86 -0.98 -13.27
CA ILE D 265 40.99 -1.66 -12.26
C ILE D 265 41.67 -2.86 -11.60
N ASP D 266 42.75 -3.39 -12.20
CA ASP D 266 43.34 -4.62 -11.63
C ASP D 266 43.81 -4.43 -10.18
N PRO D 267 44.55 -3.36 -9.87
CA PRO D 267 45.01 -3.23 -8.48
C PRO D 267 43.87 -3.05 -7.48
N ILE D 268 42.78 -2.42 -7.92
CA ILE D 268 41.62 -2.16 -7.07
C ILE D 268 40.87 -3.48 -6.81
N LEU D 269 40.63 -4.28 -7.85
CA LEU D 269 40.04 -5.59 -7.67
C LEU D 269 40.85 -6.53 -6.77
N ARG D 270 42.19 -6.52 -6.92
CA ARG D 270 43.04 -7.30 -6.02
C ARG D 270 42.90 -6.86 -4.58
N GLY D 271 42.85 -5.55 -4.37
CA GLY D 271 42.62 -4.95 -3.06
C GLY D 271 41.31 -5.44 -2.43
N LEU D 272 40.28 -5.51 -3.24
CA LEU D 272 38.97 -5.99 -2.75
C LEU D 272 38.99 -7.47 -2.36
N MET D 273 39.68 -8.31 -3.14
CA MET D 273 39.73 -9.73 -2.83
C MET D 273 40.57 -10.09 -1.60
N ALA D 274 41.66 -9.35 -1.39
CA ALA D 274 42.71 -9.78 -0.47
C ALA D 274 42.79 -8.92 0.75
N THR D 275 41.78 -8.10 0.97
CA THR D 275 41.70 -7.25 2.19
C THR D 275 40.38 -7.62 2.92
N PRO D 276 40.40 -7.73 4.24
CA PRO D 276 39.14 -8.00 4.95
C PRO D 276 38.20 -6.80 4.92
N ALA D 277 36.90 -7.10 4.92
CA ALA D 277 35.90 -6.09 5.24
C ALA D 277 36.11 -5.63 6.68
N LYS D 278 35.61 -4.44 6.99
CA LYS D 278 35.41 -4.10 8.39
C LYS D 278 34.32 -4.95 9.02
N LEU D 279 34.53 -5.36 10.27
CA LEU D 279 33.49 -6.03 11.04
C LEU D 279 32.62 -5.00 11.80
N ASN D 280 31.33 -5.14 11.68
CA ASN D 280 30.36 -4.31 12.46
C ASN D 280 30.45 -4.86 13.91
N ARG D 281 30.84 -4.01 14.85
CA ARG D 281 30.73 -4.31 16.25
C ARG D 281 29.93 -3.20 16.90
N GLN D 282 29.36 -3.50 18.05
CA GLN D 282 28.42 -2.56 18.68
C GLN D 282 29.03 -1.30 19.21
N ASN D 283 30.34 -1.29 19.45
CA ASN D 283 31.07 -0.05 19.75
C ASN D 283 32.04 0.38 18.65
N GLN D 284 31.88 -0.20 17.47
CA GLN D 284 32.65 0.18 16.26
C GLN D 284 31.74 0.11 15.04
N ILE D 285 30.74 0.99 15.02
CA ILE D 285 29.70 0.82 14.01
C ILE D 285 30.16 1.32 12.62
N ALA D 286 30.61 2.58 12.50
CA ALA D 286 31.02 3.10 11.19
C ALA D 286 32.17 4.11 11.30
N VAL D 287 33.04 4.06 10.28
CA VAL D 287 34.28 4.86 10.29
C VAL D 287 34.12 6.33 10.01
N ASP D 288 35.03 7.12 10.55
CA ASP D 288 35.01 8.59 10.33
C ASP D 288 35.28 9.02 8.93
N GLU D 289 35.92 8.20 8.10
CA GLU D 289 35.98 8.60 6.68
C GLU D 289 34.60 8.83 6.04
N ILE D 290 33.59 8.10 6.51
CA ILE D 290 32.23 8.31 6.03
C ILE D 290 31.37 9.11 7.02
N ARG D 291 31.75 9.17 8.30
CA ARG D 291 30.98 9.89 9.30
C ARG D 291 31.35 11.34 9.37
N GLU D 292 32.59 11.69 8.97
CA GLU D 292 33.14 13.03 9.07
C GLU D 292 33.55 13.68 7.76
N ARG D 293 33.94 12.85 6.78
CA ARG D 293 34.63 13.36 5.59
C ARG D 293 33.95 12.91 4.30
N LEU D 294 32.71 12.48 4.38
CA LEU D 294 32.05 11.97 3.16
C LEU D 294 31.98 13.12 2.15
N PHE D 295 32.53 12.87 0.97
CA PHE D 295 32.49 13.75 -0.18
C PHE D 295 33.14 15.10 0.11
N GLU D 296 34.07 15.14 1.04
CA GLU D 296 34.71 16.41 1.49
C GLU D 296 35.38 17.15 0.29
N GLN D 297 35.85 16.43 -0.73
CA GLN D 297 36.54 17.07 -1.88
C GLN D 297 35.60 17.77 -2.86
N VAL D 298 34.33 17.42 -2.85
CA VAL D 298 33.46 17.90 -3.87
C VAL D 298 32.32 18.84 -3.42
N MET D 299 32.30 19.23 -2.16
CA MET D 299 31.23 20.12 -1.76
C MET D 299 31.72 20.92 -0.59
N ARG D 300 30.85 21.79 -0.13
CA ARG D 300 31.27 22.78 0.83
C ARG D 300 31.67 22.28 2.19
N ILE D 301 31.19 21.10 2.58
CA ILE D 301 31.42 20.58 3.91
C ILE D 301 31.35 19.06 3.82
N GLY D 302 32.11 18.39 4.67
CA GLY D 302 32.07 16.92 4.72
C GLY D 302 30.73 16.47 5.28
N LEU D 303 30.15 15.44 4.67
CA LEU D 303 28.87 14.89 5.14
C LEU D 303 29.13 13.77 6.17
N ASP D 304 28.04 13.33 6.84
CA ASP D 304 28.06 12.26 7.82
C ASP D 304 27.05 11.20 7.32
N LEU D 305 27.55 10.10 6.80
CA LEU D 305 26.66 9.13 6.16
C LEU D 305 25.67 8.48 7.15
N PRO D 306 26.14 8.06 8.31
CA PRO D 306 25.18 7.51 9.29
C PRO D 306 24.13 8.51 9.64
N ALA D 307 24.52 9.76 9.86
CA ALA D 307 23.52 10.80 10.14
C ALA D 307 22.54 11.02 8.97
N LEU D 308 23.04 11.00 7.74
CA LEU D 308 22.18 11.10 6.59
C LEU D 308 21.17 9.94 6.54
N ASN D 309 21.63 8.74 6.85
CA ASN D 309 20.72 7.58 6.87
C ASN D 309 19.52 7.82 7.79
N MET D 310 19.82 8.38 8.97
CA MET D 310 18.79 8.60 9.97
C MET D 310 17.85 9.75 9.53
N GLN D 311 18.43 10.82 8.96
CA GLN D 311 17.59 11.92 8.48
C GLN D 311 16.73 11.41 7.34
N ARG D 312 17.29 10.52 6.52
CA ARG D 312 16.58 9.99 5.39
C ARG D 312 15.36 9.15 5.80
N SER D 313 15.53 8.34 6.84
CA SER D 313 14.42 7.51 7.30
C SER D 313 13.26 8.41 7.78
N ARG D 314 13.59 9.56 8.37
CA ARG D 314 12.60 10.56 8.79
C ARG D 314 11.94 11.25 7.62
N ASP D 315 12.76 11.68 6.66
CA ASP D 315 12.29 12.15 5.36
C ASP D 315 11.27 11.25 4.73
N HIS D 316 11.54 9.96 4.76
CA HIS D 316 10.64 8.95 4.17
C HIS D 316 9.50 8.47 5.04
N GLY D 317 9.39 9.04 6.23
CA GLY D 317 8.29 8.69 7.13
C GLY D 317 8.34 7.28 7.66
N LEU D 318 9.52 6.70 7.77
CA LEU D 318 9.62 5.32 8.17
C LEU D 318 9.26 5.18 9.66
N PRO D 319 8.44 4.18 9.99
CA PRO D 319 8.27 3.89 11.41
C PRO D 319 9.60 3.55 12.08
N GLY D 320 9.59 3.65 13.41
CA GLY D 320 10.73 3.34 14.23
C GLY D 320 10.94 1.86 14.48
N TYR D 321 11.97 1.59 15.28
CA TYR D 321 12.52 0.26 15.48
C TYR D 321 11.43 -0.74 15.95
N ASN D 322 10.67 -0.42 16.97
CA ASN D 322 9.68 -1.39 17.51
C ASN D 322 8.61 -1.75 16.51
N ALA D 323 8.19 -0.78 15.70
CA ALA D 323 7.18 -1.09 14.71
C ALA D 323 7.67 -2.08 13.68
N TRP D 324 8.94 -1.94 13.27
CA TRP D 324 9.57 -2.93 12.41
C TRP D 324 9.81 -4.30 13.06
N ARG D 325 10.18 -4.31 14.33
CA ARG D 325 10.27 -5.58 15.06
C ARG D 325 8.91 -6.30 15.02
N ARG D 326 7.84 -5.54 15.25
CA ARG D 326 6.48 -6.09 15.24
C ARG D 326 6.07 -6.63 13.91
N PHE D 327 6.40 -5.85 12.89
CA PHE D 327 6.18 -6.27 11.48
C PHE D 327 6.83 -7.64 11.23
N CYS D 328 8.06 -7.78 11.69
CA CYS D 328 8.86 -9.00 11.51
C CYS D 328 8.44 -10.16 12.43
N GLY D 329 7.56 -9.94 13.40
CA GLY D 329 7.18 -10.99 14.36
C GLY D 329 8.21 -11.16 15.47
N LEU D 330 9.01 -10.14 15.74
CA LEU D 330 10.03 -10.20 16.74
C LEU D 330 9.57 -9.39 17.98
N PRO D 331 10.10 -9.73 19.17
CA PRO D 331 9.64 -9.03 20.38
C PRO D 331 10.04 -7.57 20.38
N GLN D 332 9.22 -6.71 20.97
CA GLN D 332 9.42 -5.27 20.93
C GLN D 332 9.83 -4.76 22.32
N PRO D 333 11.12 -4.45 22.49
CA PRO D 333 11.53 -3.97 23.79
C PRO D 333 10.99 -2.58 24.13
N GLU D 334 10.47 -2.41 25.33
CA GLU D 334 9.87 -1.14 25.73
C GLU D 334 10.72 -0.27 26.64
N THR D 335 11.74 -0.84 27.26
CA THR D 335 12.57 -0.15 28.20
C THR D 335 14.04 -0.51 28.04
N VAL D 336 14.90 0.15 28.80
CA VAL D 336 16.32 -0.14 28.72
C VAL D 336 16.66 -1.56 29.08
N GLY D 337 16.00 -2.12 30.13
CA GLY D 337 16.21 -3.52 30.51
C GLY D 337 15.87 -4.47 29.39
N GLN D 338 14.78 -4.20 28.71
CA GLN D 338 14.33 -5.06 27.61
C GLN D 338 15.23 -4.87 26.37
N LEU D 339 15.61 -3.63 26.07
CA LEU D 339 16.44 -3.35 24.92
C LEU D 339 17.82 -4.00 25.10
N GLY D 340 18.34 -3.96 26.32
CA GLY D 340 19.64 -4.59 26.63
C GLY D 340 19.64 -6.07 26.39
N THR D 341 18.52 -6.71 26.70
CA THR D 341 18.35 -8.12 26.41
C THR D 341 18.37 -8.39 24.92
N VAL D 342 17.59 -7.64 24.16
CA VAL D 342 17.55 -7.78 22.71
C VAL D 342 18.90 -7.56 22.05
N LEU D 343 19.62 -6.56 22.52
CA LEU D 343 20.93 -6.18 21.93
C LEU D 343 22.07 -7.06 22.48
N ARG D 344 21.78 -7.87 23.52
CA ARG D 344 22.83 -8.55 24.30
C ARG D 344 23.93 -7.56 24.67
N ASN D 345 23.52 -6.35 25.06
CA ASN D 345 24.45 -5.26 25.32
C ASN D 345 23.73 -4.12 26.05
N LEU D 346 23.87 -4.11 27.36
CA LEU D 346 23.19 -3.09 28.15
C LEU D 346 23.81 -1.72 27.95
N LYS D 347 25.13 -1.66 27.73
CA LYS D 347 25.79 -0.37 27.54
C LYS D 347 25.25 0.38 26.32
N LEU D 348 25.14 -0.34 25.21
CA LEU D 348 24.59 0.24 23.98
C LEU D 348 23.10 0.56 24.14
N ALA D 349 22.35 -0.31 24.82
CA ALA D 349 20.94 -0.02 25.11
C ALA D 349 20.75 1.29 25.87
N ARG D 350 21.58 1.51 26.90
CA ARG D 350 21.46 2.74 27.65
C ARG D 350 21.78 3.99 26.80
N LYS D 351 22.79 3.90 25.93
CA LYS D 351 23.08 5.02 25.04
C LYS D 351 21.95 5.33 24.09
N LEU D 352 21.35 4.28 23.51
CA LEU D 352 20.21 4.46 22.66
C LEU D 352 19.02 5.09 23.38
N MET D 353 18.77 4.65 24.62
CA MET D 353 17.63 5.19 25.37
C MET D 353 17.87 6.66 25.72
N GLU D 354 19.11 7.02 26.01
CA GLU D 354 19.46 8.38 26.30
C GLU D 354 19.18 9.30 25.10
N GLN D 355 19.48 8.85 23.89
CA GLN D 355 19.21 9.64 22.69
C GLN D 355 17.73 9.68 22.38
N TYR D 356 17.06 8.52 22.42
CA TYR D 356 15.76 8.37 21.80
C TYR D 356 14.55 8.35 22.74
N GLY D 357 14.79 8.09 24.00
CA GLY D 357 13.72 8.01 25.00
C GLY D 357 12.95 6.70 25.03
N THR D 358 12.63 6.11 23.87
CA THR D 358 11.89 4.88 23.79
C THR D 358 12.42 4.12 22.57
N PRO D 359 12.45 2.80 22.62
CA PRO D 359 12.79 2.08 21.42
C PRO D 359 11.75 2.20 20.32
N ASN D 360 10.57 2.75 20.62
CA ASN D 360 9.64 3.04 19.55
C ASN D 360 10.17 4.05 18.55
N ASN D 361 11.10 4.89 18.96
CA ASN D 361 11.59 5.99 18.14
C ASN D 361 12.97 5.83 17.51
N ILE D 362 13.65 4.73 17.83
CA ILE D 362 15.00 4.49 17.29
C ILE D 362 14.86 4.38 15.80
N ASP D 363 15.66 5.15 15.06
CA ASP D 363 15.57 5.11 13.59
C ASP D 363 15.97 3.74 13.07
N ILE D 364 15.32 3.25 12.01
CA ILE D 364 15.48 1.88 11.56
C ILE D 364 16.95 1.47 11.26
N TRP D 365 17.73 2.33 10.63
CA TRP D 365 19.12 1.99 10.35
C TRP D 365 19.90 1.80 11.61
N MET D 366 19.73 2.74 12.54
CA MET D 366 20.47 2.75 13.79
C MET D 366 20.13 1.52 14.63
N GLY D 367 18.86 1.21 14.76
CA GLY D 367 18.38 0.04 15.50
C GLY D 367 18.84 -1.23 14.80
N GLY D 368 18.70 -1.27 13.48
CA GLY D 368 19.07 -2.49 12.76
C GLY D 368 20.55 -2.84 12.84
N VAL D 369 21.44 -1.84 12.67
CA VAL D 369 22.87 -2.14 12.75
C VAL D 369 23.37 -2.34 14.19
N SER D 370 22.55 -1.95 15.19
CA SER D 370 22.86 -2.18 16.61
C SER D 370 22.69 -3.61 17.07
N GLU D 371 21.90 -4.42 16.37
CA GLU D 371 21.57 -5.74 16.85
C GLU D 371 22.77 -6.67 16.66
N PRO D 372 22.94 -7.62 17.56
CA PRO D 372 23.99 -8.60 17.39
C PRO D 372 23.77 -9.46 16.16
N LEU D 373 24.88 -9.88 15.55
CA LEU D 373 24.82 -10.52 14.26
C LEU D 373 24.35 -11.99 14.39
N LYS D 374 23.56 -12.45 13.44
CA LYS D 374 23.19 -13.86 13.33
C LYS D 374 24.46 -14.71 13.09
N ARG D 375 24.42 -15.95 13.57
CA ARG D 375 25.56 -16.88 13.43
C ARG D 375 25.84 -17.07 11.95
N LYS D 376 27.11 -16.84 11.59
CA LYS D 376 27.60 -16.88 10.21
C LYS D 376 26.93 -15.88 9.25
N GLY D 377 26.31 -14.87 9.83
CA GLY D 377 25.74 -13.73 9.09
C GLY D 377 26.33 -12.43 9.54
N ARG D 378 25.92 -11.35 8.89
CA ARG D 378 26.46 -10.01 9.17
C ARG D 378 25.37 -8.97 9.42
N VAL D 379 24.17 -9.47 9.73
CA VAL D 379 23.06 -8.62 10.21
C VAL D 379 22.40 -9.38 11.35
N GLY D 380 21.70 -8.64 12.20
CA GLY D 380 20.81 -9.21 13.20
C GLY D 380 19.46 -9.60 12.67
N PRO D 381 18.58 -10.06 13.59
CA PRO D 381 17.29 -10.60 13.19
C PRO D 381 16.37 -9.63 12.48
N LEU D 382 16.37 -8.36 12.87
CA LEU D 382 15.46 -7.41 12.25
C LEU D 382 15.87 -7.13 10.80
N LEU D 383 17.14 -6.79 10.58
CA LEU D 383 17.62 -6.61 9.21
C LEU D 383 17.53 -7.88 8.40
N ALA D 384 17.75 -9.03 9.03
CA ALA D 384 17.65 -10.31 8.28
C ALA D 384 16.26 -10.50 7.74
N CYS D 385 15.28 -10.15 8.56
CA CYS D 385 13.87 -10.23 8.11
C CYS D 385 13.54 -9.26 6.95
N ILE D 386 13.92 -7.99 7.09
CA ILE D 386 13.66 -6.99 6.06
C ILE D 386 14.37 -7.34 4.73
N ILE D 387 15.63 -7.71 4.84
CA ILE D 387 16.45 -8.01 3.64
C ILE D 387 16.03 -9.32 3.02
N GLY D 388 15.86 -10.34 3.84
CA GLY D 388 15.43 -11.66 3.34
C GLY D 388 14.07 -11.59 2.68
N THR D 389 13.15 -10.86 3.31
CA THR D 389 11.80 -10.73 2.77
C THR D 389 11.85 -10.01 1.43
N GLN D 390 12.68 -8.96 1.33
CA GLN D 390 12.75 -8.22 0.05
C GLN D 390 13.30 -9.13 -1.08
N PHE D 391 14.37 -9.86 -0.78
CA PHE D 391 15.02 -10.71 -1.84
C PHE D 391 14.18 -11.95 -2.20
N ARG D 392 13.35 -12.41 -1.28
CA ARG D 392 12.40 -13.45 -1.64
C ARG D 392 11.42 -12.93 -2.67
N LYS D 393 10.93 -11.72 -2.45
CA LYS D 393 9.99 -11.12 -3.40
C LYS D 393 10.60 -10.90 -4.74
N LEU D 394 11.87 -10.45 -4.76
CA LEU D 394 12.59 -10.23 -6.02
C LEU D 394 12.89 -11.48 -6.80
N ARG D 395 12.92 -12.61 -6.11
CA ARG D 395 13.12 -13.92 -6.73
C ARG D 395 11.80 -14.54 -7.20
N ASP D 396 10.89 -14.76 -6.28
CA ASP D 396 9.61 -15.41 -6.58
C ASP D 396 8.70 -14.59 -7.47
N GLY D 397 8.82 -13.25 -7.41
CA GLY D 397 8.02 -12.36 -8.22
C GLY D 397 8.68 -11.86 -9.51
N ASP D 398 9.73 -12.55 -9.97
CA ASP D 398 10.44 -12.16 -11.23
C ASP D 398 10.15 -13.22 -12.27
N ARG D 399 9.42 -12.83 -13.31
CA ARG D 399 9.04 -13.74 -14.36
C ARG D 399 10.30 -14.22 -15.14
N PHE D 400 11.36 -13.43 -15.07
CA PHE D 400 12.62 -13.75 -15.78
C PHE D 400 13.71 -14.25 -14.85
N TRP D 401 13.35 -14.72 -13.65
CA TRP D 401 14.28 -15.41 -12.77
C TRP D 401 14.95 -16.57 -13.54
N TRP D 402 16.26 -16.71 -13.42
CA TRP D 402 17.02 -17.62 -14.27
C TRP D 402 16.61 -19.10 -14.17
N GLU D 403 16.02 -19.53 -13.06
CA GLU D 403 15.56 -20.91 -12.90
C GLU D 403 14.11 -21.11 -13.29
N ASN D 404 13.38 -20.04 -13.59
CA ASN D 404 11.98 -20.15 -13.98
C ASN D 404 11.87 -20.91 -15.32
N GLU D 405 10.96 -21.86 -15.39
CA GLU D 405 10.81 -22.61 -16.64
C GLU D 405 10.51 -21.71 -17.79
N GLY D 406 11.22 -21.93 -18.91
CA GLY D 406 11.04 -21.09 -20.06
C GLY D 406 12.07 -20.00 -20.27
N VAL D 407 12.78 -19.60 -19.23
CA VAL D 407 13.69 -18.45 -19.39
C VAL D 407 14.94 -18.94 -20.14
N PHE D 408 15.55 -19.96 -19.56
CA PHE D 408 16.69 -20.68 -20.16
C PHE D 408 16.29 -22.14 -20.40
N SER D 409 16.98 -22.81 -21.33
CA SER D 409 16.87 -24.26 -21.46
C SER D 409 17.54 -24.95 -20.29
N MET D 410 17.24 -26.23 -20.10
CA MET D 410 17.87 -26.99 -19.05
C MET D 410 19.40 -27.05 -19.23
N GLN D 411 19.83 -27.19 -20.47
CA GLN D 411 21.27 -27.18 -20.77
C GLN D 411 21.94 -25.82 -20.46
N GLN D 412 21.26 -24.73 -20.81
CA GLN D 412 21.75 -23.40 -20.46
C GLN D 412 21.81 -23.23 -18.93
N ARG D 413 20.78 -23.69 -18.22
CA ARG D 413 20.84 -23.62 -16.74
C ARG D 413 22.01 -24.36 -16.16
N GLN D 414 22.29 -25.55 -16.68
CA GLN D 414 23.46 -26.33 -16.24
C GLN D 414 24.77 -25.60 -16.48
N ALA D 415 24.89 -24.92 -17.62
CA ALA D 415 26.08 -24.13 -17.94
C ALA D 415 26.21 -22.94 -17.01
N LEU D 416 25.09 -22.24 -16.79
CA LEU D 416 25.10 -21.04 -15.91
C LEU D 416 25.47 -21.36 -14.49
N ALA D 417 25.12 -22.56 -14.04
CA ALA D 417 25.44 -22.96 -12.66
C ALA D 417 26.97 -23.00 -12.39
N GLN D 418 27.79 -23.04 -13.44
CA GLN D 418 29.23 -23.09 -13.29
C GLN D 418 29.87 -21.71 -13.11
N ILE D 419 29.13 -20.62 -13.28
CA ILE D 419 29.75 -19.28 -13.22
C ILE D 419 30.14 -18.90 -11.80
N SER D 420 31.11 -17.99 -11.67
CA SER D 420 31.51 -17.44 -10.38
C SER D 420 32.11 -16.10 -10.62
N LEU D 421 32.11 -15.24 -9.59
CA LEU D 421 32.76 -13.96 -9.73
C LEU D 421 34.30 -14.03 -10.00
N PRO D 422 35.02 -14.94 -9.32
CA PRO D 422 36.45 -15.05 -9.60
C PRO D 422 36.73 -15.36 -11.12
N ARG D 423 35.91 -16.17 -11.71
CA ARG D 423 36.06 -16.49 -13.13
C ARG D 423 35.77 -15.28 -14.01
N ILE D 424 34.76 -14.49 -13.67
CA ILE D 424 34.46 -13.27 -14.40
C ILE D 424 35.66 -12.28 -14.32
N ILE D 425 36.29 -12.24 -13.15
CA ILE D 425 37.49 -11.44 -12.98
C ILE D 425 38.63 -11.96 -13.91
N CYS D 426 38.87 -13.28 -13.90
CA CYS D 426 39.92 -13.94 -14.78
C CYS D 426 39.68 -13.58 -16.23
N ASP D 427 38.42 -13.67 -16.63
CA ASP D 427 38.07 -13.48 -18.05
C ASP D 427 38.20 -12.07 -18.57
N ASN D 428 38.18 -11.06 -17.70
CA ASN D 428 37.98 -9.69 -18.13
C ASN D 428 39.02 -8.71 -17.60
N THR D 429 40.10 -9.22 -17.03
CA THR D 429 41.15 -8.36 -16.48
C THR D 429 42.50 -9.01 -16.72
N GLY D 430 43.57 -8.33 -16.30
CA GLY D 430 44.90 -8.93 -16.27
C GLY D 430 45.25 -9.74 -15.04
N ILE D 431 44.28 -9.98 -14.14
CA ILE D 431 44.54 -10.72 -12.89
C ILE D 431 44.55 -12.23 -13.19
N THR D 432 45.58 -12.93 -12.72
CA THR D 432 45.80 -14.36 -13.02
C THR D 432 45.67 -15.25 -11.80
N THR D 433 45.64 -14.65 -10.61
CA THR D 433 45.39 -15.40 -9.37
C THR D 433 44.22 -14.67 -8.67
N VAL D 434 43.27 -15.45 -8.22
CA VAL D 434 42.00 -14.91 -7.71
C VAL D 434 41.54 -15.70 -6.50
N SER D 435 40.60 -15.12 -5.75
CA SER D 435 40.01 -15.80 -4.61
C SER D 435 39.38 -17.14 -4.94
N LYS D 436 39.58 -18.08 -4.05
CA LYS D 436 38.79 -19.32 -4.04
C LYS D 436 37.30 -19.00 -3.74
N ASN D 437 36.41 -19.83 -4.25
CA ASN D 437 34.99 -19.75 -3.85
C ASN D 437 34.96 -20.12 -2.40
N ASN D 438 34.22 -19.40 -1.54
CA ASN D 438 33.32 -18.28 -1.84
C ASN D 438 34.14 -17.00 -1.78
N ILE D 439 34.15 -16.25 -2.87
CA ILE D 439 34.91 -14.99 -2.96
C ILE D 439 34.60 -14.00 -1.82
N PHE D 440 33.37 -14.04 -1.32
CA PHE D 440 32.98 -13.10 -0.25
C PHE D 440 33.53 -13.46 1.11
N MET D 441 33.97 -14.69 1.28
CA MET D 441 34.60 -15.16 2.53
C MET D 441 36.13 -15.12 2.43
N SER D 442 36.64 -15.64 1.32
CA SER D 442 38.11 -15.63 1.06
C SER D 442 38.68 -14.23 1.17
N ASN D 443 39.76 -14.06 1.92
CA ASN D 443 40.30 -12.70 2.08
C ASN D 443 41.78 -12.61 2.40
N SER D 444 42.48 -13.76 2.43
CA SER D 444 43.89 -13.77 2.85
C SER D 444 44.77 -14.42 1.75
N TYR D 445 45.66 -13.61 1.19
CA TYR D 445 46.63 -14.07 0.19
C TYR D 445 47.88 -14.57 0.90
N PRO D 446 48.45 -15.71 0.56
CA PRO D 446 48.04 -16.60 -0.53
C PRO D 446 47.08 -17.71 -0.13
N ARG D 447 46.79 -17.89 1.15
CA ARG D 447 45.94 -19.04 1.62
C ARG D 447 44.67 -19.28 0.84
N ASP D 448 43.93 -18.22 0.58
CA ASP D 448 42.58 -18.34 -0.01
C ASP D 448 42.56 -18.07 -1.54
N PHE D 449 43.70 -18.23 -2.22
CA PHE D 449 43.84 -17.82 -3.65
C PHE D 449 44.24 -19.01 -4.53
N VAL D 450 43.80 -18.97 -5.78
CA VAL D 450 44.04 -20.03 -6.78
C VAL D 450 44.34 -19.42 -8.13
N ASN D 451 44.99 -20.18 -9.01
CA ASN D 451 45.22 -19.69 -10.37
C ASN D 451 43.95 -19.80 -11.20
N CYS D 452 43.82 -18.89 -12.17
CA CYS D 452 42.66 -18.84 -13.09
C CYS D 452 42.43 -20.13 -13.87
N SER D 453 43.51 -20.84 -14.20
CA SER D 453 43.37 -22.12 -14.92
C SER D 453 42.64 -23.20 -14.17
N THR D 454 42.50 -23.08 -12.85
CA THR D 454 41.72 -24.05 -12.11
C THR D 454 40.22 -23.84 -12.18
N LEU D 455 39.75 -22.72 -12.73
CA LEU D 455 38.33 -22.42 -12.65
C LEU D 455 37.65 -22.72 -13.98
N PRO D 456 36.48 -23.39 -13.91
CA PRO D 456 35.70 -23.66 -15.12
C PRO D 456 35.18 -22.32 -15.69
N ALA D 457 35.25 -22.18 -17.01
CA ALA D 457 34.68 -21.06 -17.74
C ALA D 457 33.27 -21.43 -18.23
N LEU D 458 32.42 -20.44 -18.40
CA LEU D 458 31.07 -20.64 -18.91
C LEU D 458 31.13 -21.26 -20.32
N ASN D 459 30.49 -22.40 -20.49
CA ASN D 459 30.40 -23.02 -21.80
C ASN D 459 29.17 -22.52 -22.52
N LEU D 460 29.35 -21.79 -23.62
CA LEU D 460 28.20 -21.27 -24.40
C LEU D 460 27.66 -22.23 -25.47
N ALA D 461 28.12 -23.48 -25.53
CA ALA D 461 27.67 -24.43 -26.60
C ALA D 461 26.15 -24.52 -26.72
N SER D 462 25.44 -24.50 -25.60
CA SER D 462 23.99 -24.62 -25.64
C SER D 462 23.23 -23.36 -26.09
N TRP D 463 23.92 -22.27 -26.40
CA TRP D 463 23.36 -21.09 -27.04
C TRP D 463 23.44 -21.15 -28.59
N ARG D 464 24.03 -22.21 -29.15
CA ARG D 464 24.18 -22.30 -30.62
C ARG D 464 22.84 -22.59 -31.20
N GLU D 465 22.45 -21.88 -32.24
CA GLU D 465 21.15 -22.15 -32.85
C GLU D 465 21.38 -22.87 -34.17
C1 NAG E . -1.33 -6.03 16.57
C2 NAG E . -0.68 -7.32 17.00
C3 NAG E . 0.55 -7.52 16.13
C4 NAG E . 0.11 -7.54 14.70
C5 NAG E . -0.72 -6.34 14.30
C6 NAG E . -1.32 -6.47 12.91
C7 NAG E . -1.08 -7.68 19.37
C8 NAG E . -0.51 -7.55 20.76
N2 NAG E . -0.28 -7.27 18.40
O3 NAG E . 1.16 -8.76 16.45
O4 NAG E . 1.33 -7.41 13.92
O5 NAG E . -1.78 -6.16 15.23
O6 NAG E . -2.01 -7.70 12.88
O7 NAG E . -2.21 -8.12 19.13
C1 NAG E . 1.49 -8.43 12.79
C2 NAG E . 2.52 -7.81 11.81
C3 NAG E . 2.82 -8.87 10.74
C4 NAG E . 3.27 -10.10 11.46
C5 NAG E . 2.21 -10.58 12.46
C6 NAG E . 2.67 -11.82 13.21
C7 NAG E . 2.24 -5.35 11.64
C8 NAG E . 1.43 -4.24 11.06
N2 NAG E . 1.90 -6.61 11.26
O3 NAG E . 3.69 -8.28 9.73
O4 NAG E . 3.44 -11.17 10.48
O5 NAG E . 1.99 -9.55 13.44
O6 NAG E . 3.95 -11.55 13.85
O7 NAG E . 3.14 -5.15 12.42
C1 BMA E . 4.84 -11.66 10.28
C2 BMA E . 4.87 -13.14 9.93
C3 BMA E . 6.32 -13.37 9.48
C4 BMA E . 6.75 -12.48 8.34
C5 BMA E . 6.53 -11.01 8.66
C6 BMA E . 6.91 -10.34 7.31
O2 BMA E . 4.00 -13.37 8.83
O3 BMA E . 6.30 -14.65 8.86
O4 BMA E . 8.16 -12.69 8.05
O5 BMA E . 5.16 -10.84 9.10
O6 BMA E . 6.42 -9.03 7.24
C1 MAN E . 7.71 -15.56 9.28
C2 MAN E . 7.56 -16.63 8.18
C3 MAN E . 6.40 -17.59 8.48
C4 MAN E . 6.43 -18.02 9.93
C5 MAN E . 6.33 -16.79 10.85
C6 MAN E . 6.34 -17.18 12.30
O2 MAN E . 8.81 -17.30 8.15
O3 MAN E . 6.49 -18.76 7.67
O4 MAN E . 5.29 -18.85 10.14
O5 MAN E . 7.44 -15.91 10.64
O6 MAN E . 7.63 -17.73 12.55
C1 FUC E . -2.82 -8.23 11.57
C2 FUC E . -2.91 -9.73 11.63
C3 FUC E . -3.64 -10.16 12.90
C4 FUC E . -4.99 -9.47 12.96
C5 FUC E . -4.85 -7.97 12.90
C6 FUC E . -6.22 -7.28 12.78
O2 FUC E . -1.57 -10.26 11.66
O3 FUC E . -3.78 -11.57 12.76
O4 FUC E . -5.71 -9.93 11.80
O5 FUC E . -4.07 -7.55 11.75
C1 NAG F . 1.95 -17.02 -4.45
C2 NAG F . 1.43 -18.18 -3.60
C3 NAG F . 0.22 -17.62 -2.88
C4 NAG F . 0.68 -16.42 -2.04
C5 NAG F . 1.37 -15.33 -2.81
C6 NAG F . 2.01 -14.24 -1.95
C7 NAG F . 1.88 -20.34 -4.59
C8 NAG F . 1.45 -21.46 -5.52
N2 NAG F . 1.06 -19.29 -4.43
O3 NAG F . -0.38 -18.55 -1.98
O4 NAG F . -0.53 -15.76 -1.68
O5 NAG F . 2.40 -16.01 -3.52
O6 NAG F . 2.70 -14.93 -0.91
O7 NAG F . 2.94 -20.33 -4.00
C1 NAG F . -0.89 -15.46 -0.24
C2 NAG F . -1.85 -14.27 -0.03
C3 NAG F . -2.06 -14.00 1.43
C4 NAG F . -2.54 -15.31 2.01
C5 NAG F . -1.49 -16.38 1.84
C6 NAG F . -1.87 -17.69 2.50
C7 NAG F . -1.69 -12.73 -1.93
C8 NAG F . -0.96 -11.54 -2.47
N2 NAG F . -1.30 -13.11 -0.70
O3 NAG F . -3.05 -12.96 1.56
O4 NAG F . -2.66 -15.12 3.44
O5 NAG F . -1.23 -16.63 0.45
O6 NAG F . -3.03 -18.20 1.87
O7 NAG F . -2.57 -13.30 -2.57
C1 BMA F . -4.06 -15.21 3.99
C2 BMA F . -3.94 -15.74 5.42
C3 BMA F . -5.41 -15.61 5.88
C4 BMA F . -6.02 -14.23 5.78
C5 BMA F . -5.85 -13.72 4.35
C6 BMA F . -6.41 -12.31 4.31
O2 BMA F . -3.18 -14.83 6.16
O3 BMA F . -5.34 -15.94 7.27
O4 BMA F . -7.45 -14.21 6.05
O5 BMA F . -4.45 -13.80 3.99
O6 BMA F . -5.75 -11.47 3.42
C1 MAN F . -6.77 -16.77 7.81
C2 MAN F . -6.46 -16.65 9.31
C3 MAN F . -5.27 -17.50 9.75
C4 MAN F . -5.38 -18.89 9.19
C5 MAN F . -5.46 -18.84 7.67
C6 MAN F . -5.63 -20.23 7.10
O2 MAN F . -7.66 -17.07 9.93
O3 MAN F . -5.21 -17.60 11.17
O4 MAN F . -4.19 -19.55 9.60
O5 MAN F . -6.59 -18.06 7.20
O6 MAN F . -6.93 -20.67 7.48
C1 FUC F . 3.51 -13.99 0.20
C2 FUC F . 3.63 -14.90 1.40
C3 FUC F . 4.46 -16.10 1.08
C4 FUC F . 5.79 -15.72 0.47
C5 FUC F . 5.56 -14.86 -0.75
C6 FUC F . 6.91 -14.37 -1.33
O2 FUC F . 2.31 -15.32 1.84
O3 FUC F . 4.61 -16.88 2.24
O4 FUC F . 6.54 -14.96 1.41
O5 FUC F . 4.76 -13.68 -0.46
CL CL G . -7.83 -3.29 -2.41
CHA HEM H . -22.66 1.98 -3.99
CHB HEM H . -27.36 2.53 -4.64
CHC HEM H . -28.24 -0.51 -0.97
CHD HEM H . -23.47 -0.84 -0.17
C1A HEM H . -23.87 2.31 -4.54
C2A HEM H . -23.98 3.20 -5.65
C3A HEM H . -25.32 3.40 -5.83
C4A HEM H . -25.99 2.58 -4.82
CMA HEM H . -25.97 4.28 -6.87
CAA HEM H . -22.89 3.78 -6.50
CBA HEM H . -22.86 2.96 -7.82
CGA HEM H . -21.66 3.27 -8.73
O1A HEM H . -21.73 4.16 -9.63
O2A HEM H . -20.58 2.65 -8.60
C1B HEM H . -28.02 1.81 -3.60
C2B HEM H . -29.47 1.90 -3.33
C3B HEM H . -29.76 1.02 -2.28
C4B HEM H . -28.37 0.47 -1.94
CMB HEM H . -30.43 2.84 -4.10
CAB HEM H . -31.17 0.97 -1.69
CBB HEM H . -31.70 0.79 -0.45
C1C HEM H . -27.04 -0.97 -0.45
C2C HEM H . -26.88 -1.93 0.55
C3C HEM H . -25.51 -2.03 0.85
C4C HEM H . -24.83 -1.12 -0.07
CMC HEM H . -28.05 -2.69 1.19
CAC HEM H . -24.79 -2.91 1.81
CBC HEM H . -25.23 -3.82 2.65
C1D HEM H . -22.90 0.05 -1.08
C2D HEM H . -21.43 0.47 -0.97
C3D HEM H . -21.22 1.27 -2.06
C4D HEM H . -22.54 1.30 -2.75
CMD HEM H . -20.43 0.07 0.13
CAD HEM H . -19.95 2.02 -2.44
CBD HEM H . -19.97 3.34 -1.62
CGD HEM H . -18.78 4.28 -1.90
O1D HEM H . -18.95 5.30 -2.61
O2D HEM H . -17.63 3.99 -1.40
NA HEM H . -25.13 1.76 -4.22
NB HEM H . -27.50 0.69 -2.89
NC HEM H . -25.87 -0.66 -0.97
ND HEM H . -23.46 0.34 -2.25
FE HEM H . -25.40 0.45 -2.73
CL CL I . 8.02 0.49 3.92
CHA HEM J . 22.59 5.48 0.15
CHB HEM J . 27.26 6.56 -0.10
CHC HEM J . 28.32 1.84 0.28
CHD HEM J . 23.65 0.76 0.24
C1A HEM J . 23.77 6.20 0.18
C2A HEM J . 23.84 7.60 0.06
C3A HEM J . 25.19 7.92 -0.04
C4A HEM J . 25.87 6.67 -0.01
CMA HEM J . 25.78 9.29 -0.14
CAA HEM J . 22.71 8.57 0.11
CBA HEM J . 22.72 9.18 1.55
CGA HEM J . 21.49 10.07 1.83
O1A HEM J . 21.46 11.34 1.67
O2A HEM J . 20.43 9.51 2.21
C1B HEM J . 27.91 5.31 -0.13
C2B HEM J . 29.36 5.23 -0.39
C3B HEM J . 29.68 3.92 -0.26
C4B HEM J . 28.40 3.23 0.06
CMB HEM J . 30.24 6.43 -0.69
CAB HEM J . 30.97 3.20 -0.52
CBB HEM J . 31.95 3.61 -1.32
C1C HEM J . 27.17 1.06 0.37
C2C HEM J . 27.08 -0.31 0.64
C3C HEM J . 25.71 -0.66 0.59
C4C HEM J . 25.01 0.57 0.35
CMC HEM J . 28.30 -1.22 0.89
CAC HEM J . 24.98 -1.93 0.79
CBC HEM J . 25.60 -3.09 1.06
C1D HEM J . 23.00 2.00 0.09
C2D HEM J . 21.57 2.06 -0.27
C3D HEM J . 21.26 3.40 -0.29
C4D HEM J . 22.57 4.08 0.05
CMD HEM J . 20.64 0.87 -0.48
CAD HEM J . 19.91 4.07 -0.65
CBD HEM J . 19.86 4.19 -2.22
CGD HEM J . 18.59 4.83 -2.83
O1D HEM J . 18.71 5.98 -3.32
O2D HEM J . 17.46 4.22 -2.89
NA HEM J . 25.09 5.67 0.37
NB HEM J . 27.46 4.22 0.41
NC HEM J . 26.00 1.60 0.48
ND HEM J . 23.52 3.27 0.48
FE HEM J . 25.44 3.64 0.58
CA CA K . -17.28 6.69 9.91
CL CL L . -47.02 -0.20 16.30
CL CL M . -35.11 22.87 7.64
C1 NAG N . -32.86 24.50 18.37
C2 NAG N . -33.85 24.30 17.22
C3 NAG N . -35.18 25.01 17.59
C4 NAG N . -35.71 24.57 18.95
C5 NAG N . -34.59 24.58 20.01
C6 NAG N . -34.99 23.87 21.31
C7 NAG N . -32.98 24.03 14.94
C8 NAG N . -32.49 24.79 13.75
N2 NAG N . -33.33 24.82 15.98
O3 NAG N . -36.13 24.66 16.58
O4 NAG N . -36.85 25.33 19.47
O5 NAG N . -33.39 23.93 19.56
O6 NAG N . -35.28 22.49 20.97
O7 NAG N . -33.03 22.81 15.02
C1 NAG O . -47.17 14.52 -5.44
C2 NAG O . -47.90 13.26 -5.76
C3 NAG O . -49.40 13.46 -5.44
C4 NAG O . -49.60 13.82 -3.96
C5 NAG O . -48.78 15.07 -3.68
C6 NAG O . -48.78 15.46 -2.20
C7 NAG O . -47.23 11.65 -7.51
C8 NAG O . -46.96 11.51 -8.98
N2 NAG O . -47.58 12.89 -7.12
O3 NAG O . -50.10 12.25 -5.66
O4 NAG O . -51.00 14.02 -3.67
O5 NAG O . -47.40 14.92 -4.08
O6 NAG O . -48.10 16.71 -2.20
O7 NAG O . -47.16 10.70 -6.76
C1 BMA P . 4.88 -9.82 6.24
C2 BMA P . 4.11 -11.04 5.75
C3 BMA P . 4.59 -11.45 4.36
C4 BMA P . 4.48 -10.22 3.44
C5 BMA P . 5.25 -9.02 3.99
C6 BMA P . 5.10 -7.75 3.12
O2 BMA P . 2.73 -10.62 5.76
O3 BMA P . 3.78 -12.52 3.86
O4 BMA P . 5.01 -10.52 2.15
O5 BMA P . 4.78 -8.73 5.31
O6 BMA P . 3.76 -7.26 3.23
CL CL Q . 34.14 8.36 -23.85
C1 NAG R . 32.09 0.18 -31.28
C2 NAG R . 33.04 1.14 -30.54
C3 NAG R . 34.34 1.32 -31.32
C4 NAG R . 34.92 -0.05 -31.76
C5 NAG R . 33.85 -0.93 -32.41
C6 NAG R . 34.40 -2.32 -32.69
C7 NAG R . 32.08 2.84 -29.06
C8 NAG R . 31.44 4.20 -28.95
N2 NAG R . 32.42 2.46 -30.30
O3 NAG R . 35.23 2.01 -30.40
O4 NAG R . 36.06 0.10 -32.65
O5 NAG R . 32.67 -1.08 -31.56
O6 NAG R . 34.62 -2.97 -31.43
O7 NAG R . 32.28 2.08 -28.09
C1 NAG S . 46.34 14.92 -9.82
C2 NAG S . 47.21 14.52 -8.65
C3 NAG S . 48.67 14.51 -9.09
C4 NAG S . 48.89 13.70 -10.38
C5 NAG S . 47.93 14.21 -11.45
C6 NAG S . 47.96 13.51 -12.80
C7 NAG S . 46.35 15.16 -6.46
C8 NAG S . 45.95 16.34 -5.61
N2 NAG S . 46.81 15.48 -7.65
O3 NAG S . 49.43 13.93 -8.03
O4 NAG S . 50.24 13.85 -10.84
O5 NAG S . 46.59 14.07 -10.96
O6 NAG S . 47.32 14.40 -13.74
O7 NAG S . 46.27 14.02 -6.04
C1 BMA T . -4.35 -10.94 4.77
C2 BMA T . -3.47 -11.17 5.99
C3 BMA T . -3.93 -10.28 7.11
C4 BMA T . -3.93 -8.86 6.58
C5 BMA T . -4.77 -8.71 5.30
C6 BMA T . -4.78 -7.29 4.74
O2 BMA T . -2.17 -10.83 5.54
O3 BMA T . -3.08 -10.45 8.29
O4 BMA T . -4.41 -7.96 7.57
O5 BMA T . -4.27 -9.59 4.31
O6 BMA T . -3.44 -6.92 4.40
CA CA U . 17.23 -3.64 -11.44
#